data_4F3T
#
_entry.id   4F3T
#
_cell.length_a   63.427
_cell.length_b   107.651
_cell.length_c   68.718
_cell.angle_alpha   90.000
_cell.angle_beta   106.690
_cell.angle_gamma   90.000
#
_symmetry.space_group_name_H-M   'P 1 21 1'
#
loop_
_entity.id
_entity.type
_entity.pdbx_description
1 polymer 'Protein argonaute-2'
2 polymer "RNA (5'-R(P*UP*AP*AP*AP*GP*UP*GP*CP*UP*UP*AP*UP*AP*GP*UP*G*CP*AP*GP*G)-3')"
3 non-polymer PHENOL
4 water water
#
loop_
_entity_poly.entity_id
_entity_poly.type
_entity_poly.pdbx_seq_one_letter_code
_entity_poly.pdbx_strand_id
1 'polypeptide(L)'
;GAMYSGAGPALAPPAPPPPIQGYAFKPPPRPDFGTSGRTIKLQANFFEMDIPKIDIYHYELDIKPEKCPRRVNREIVEHM
VQHFKTQIFGDRKPVFDGRKNLYTAMPLPIGRDKVELEVTLPGEGKDRIFKVSIKWVSCVSLQALHDALSGRLPSVPFET
IQALDVVMRHLPSMRYTPVGRSFFTASEGCSNPLGGGREVWFGFHQSVRPSLWKMMLNIDVSATAFYKAQPVIEFVCEVL
DFKSIEEQQKPLTDSQRVKFTKEIKGLKVEITHCGQMKRKYRVCNVTRRPASHQTFPLQQESGQTVECTVAQYFKDRHKL
VLRYPHLPCLQVGQEQKHTYLPLEVCNIVAGQRCIKKLTDNQTSTMIRATARSAPDRQEEISKLMRSASFNTDPYVREFG
IMVKDEMTDVTGRVLQPPSILYGGRNKAIATPVQGVWDMRNKQFHTGIEIKVWAIACFAPQRQCTEVHLKSFTEQLRKIS
RDAGMPIQGQPCFCKYAQGADSVEPMFRHLKNTYAGLQLVVVILPGKTPVYAEVKRVGDTVLGMATQCVQMKNVQRTTPQ
TLSNLCLKINVKLGGVNNILLPQGRPPVFQQPVIFLGADVTHPPAGDGKKPSIAAVVGSMDAHPNRYCATVRVQQHRQEI
IQDLAAMVRELLIQFYKSTRFKPTRIIFYRDGVSEGQFQQVLHHELLAIREACIKLEKDYQPGITFIVVQKRHHTRLFCT
DKNERVGKSGNIPAGTTVDTKITHPTEFDFYLCSHAGIQGTSRPSHYHVLWDDNRFSSDELQILTYQLCHTYVRCTRSVS
IPAPAYYAHLVAFRARYHLVDKEHDSAEGSHTSGQSNGRDHQALAKAVQVHQDTLRTMYFA
;
A
2 'polyribonucleotide' UAAAGUGCUUAUAGUGCAGG R
#
loop_
_chem_comp.id
_chem_comp.type
_chem_comp.name
_chem_comp.formula
A RNA linking ADENOSINE-5'-MONOPHOSPHATE 'C10 H14 N5 O7 P'
C RNA linking CYTIDINE-5'-MONOPHOSPHATE 'C9 H14 N3 O8 P'
G RNA linking GUANOSINE-5'-MONOPHOSPHATE 'C10 H14 N5 O8 P'
IPH non-polymer PHENOL 'C6 H6 O'
U RNA linking URIDINE-5'-MONOPHOSPHATE 'C9 H13 N2 O9 P'
#
# COMPACT_ATOMS: atom_id res chain seq x y z
N PHE A 25 2.83 -21.58 -16.85
CA PHE A 25 3.17 -20.32 -16.21
C PHE A 25 2.57 -19.13 -16.97
N LYS A 26 1.66 -19.41 -17.90
CA LYS A 26 0.99 -18.35 -18.65
C LYS A 26 -0.45 -18.21 -18.18
N PRO A 27 -0.86 -16.98 -17.83
CA PRO A 27 -2.23 -16.75 -17.37
C PRO A 27 -3.25 -17.27 -18.38
N PRO A 28 -4.38 -17.82 -17.88
CA PRO A 28 -5.42 -18.34 -18.77
C PRO A 28 -6.14 -17.21 -19.50
N PRO A 29 -6.75 -17.50 -20.66
CA PRO A 29 -7.52 -16.51 -21.40
C PRO A 29 -8.85 -16.22 -20.71
N ARG A 30 -9.41 -15.04 -20.93
CA ARG A 30 -10.74 -14.75 -20.43
C ARG A 30 -11.69 -15.82 -20.94
N PRO A 31 -12.39 -16.52 -20.02
CA PRO A 31 -13.25 -17.63 -20.43
C PRO A 31 -14.56 -17.14 -21.05
N ASP A 32 -15.07 -16.02 -20.54
CA ASP A 32 -16.30 -15.43 -21.02
C ASP A 32 -16.49 -14.07 -20.38
N PHE A 33 -17.61 -13.40 -20.68
CA PHE A 33 -17.95 -12.14 -20.05
C PHE A 33 -19.15 -12.32 -19.11
N GLY A 34 -19.11 -11.66 -17.97
CA GLY A 34 -20.16 -11.80 -16.98
C GLY A 34 -21.48 -11.24 -17.45
N THR A 35 -22.58 -11.84 -16.99
CA THR A 35 -23.92 -11.40 -17.34
C THR A 35 -24.80 -11.13 -16.11
N SER A 36 -24.29 -11.47 -14.93
CA SER A 36 -25.06 -11.28 -13.70
C SER A 36 -25.06 -9.82 -13.27
N GLY A 37 -26.19 -9.37 -12.73
CA GLY A 37 -26.28 -8.03 -12.17
C GLY A 37 -27.08 -7.05 -13.01
N ARG A 38 -27.47 -5.95 -12.37
CA ARG A 38 -28.22 -4.89 -13.04
C ARG A 38 -27.27 -3.94 -13.76
N THR A 39 -27.51 -3.71 -15.04
CA THR A 39 -26.62 -2.87 -15.84
C THR A 39 -26.57 -1.44 -15.30
N ILE A 40 -25.43 -0.80 -15.52
CA ILE A 40 -25.18 0.52 -14.96
C ILE A 40 -24.23 1.27 -15.90
N LYS A 41 -24.60 2.49 -16.28
CA LYS A 41 -23.76 3.29 -17.14
C LYS A 41 -22.66 3.98 -16.34
N LEU A 42 -21.43 3.84 -16.81
CA LEU A 42 -20.27 4.40 -16.11
C LEU A 42 -19.35 5.12 -17.06
N GLN A 43 -18.52 5.98 -16.49
CA GLN A 43 -17.40 6.58 -17.20
C GLN A 43 -16.13 6.24 -16.44
N ALA A 44 -15.08 5.85 -17.16
CA ALA A 44 -13.81 5.54 -16.54
C ALA A 44 -12.77 6.57 -16.98
N ASN A 45 -11.81 6.85 -16.11
CA ASN A 45 -10.74 7.78 -16.45
C ASN A 45 -9.72 7.15 -17.40
N PHE A 46 -10.24 6.52 -18.46
CA PHE A 46 -9.45 5.95 -19.53
C PHE A 46 -9.87 6.66 -20.82
N PHE A 47 -8.90 7.21 -21.54
CA PHE A 47 -9.19 7.95 -22.77
C PHE A 47 -8.60 7.24 -23.99
N GLU A 48 -9.47 6.87 -24.93
CA GLU A 48 -9.05 6.17 -26.13
C GLU A 48 -7.93 6.91 -26.86
N MET A 49 -6.92 6.14 -27.27
CA MET A 49 -5.83 6.68 -28.07
C MET A 49 -5.98 6.19 -29.50
N ASP A 50 -5.80 7.07 -30.46
CA ASP A 50 -5.75 6.69 -31.87
C ASP A 50 -4.29 6.61 -32.27
N ILE A 51 -3.80 5.38 -32.42
CA ILE A 51 -2.41 5.15 -32.76
C ILE A 51 -2.28 4.76 -34.23
N PRO A 52 -1.31 5.37 -34.93
CA PRO A 52 -1.09 5.03 -36.35
C PRO A 52 -0.50 3.64 -36.52
N LYS A 53 -0.57 3.11 -37.74
CA LYS A 53 -0.05 1.78 -38.02
C LYS A 53 1.42 1.82 -38.43
N ILE A 54 2.03 3.00 -38.30
CA ILE A 54 3.39 3.21 -38.76
C ILE A 54 4.41 2.47 -37.90
N ASP A 55 5.63 2.38 -38.40
CA ASP A 55 6.73 1.75 -37.67
C ASP A 55 7.51 2.80 -36.91
N ILE A 56 7.77 2.54 -35.63
CA ILE A 56 8.59 3.42 -34.82
C ILE A 56 10.02 2.90 -34.80
N TYR A 57 10.98 3.82 -34.66
CA TYR A 57 12.39 3.45 -34.69
C TYR A 57 13.05 3.70 -33.34
N HIS A 58 13.72 2.66 -32.83
CA HIS A 58 14.28 2.69 -31.48
C HIS A 58 15.81 2.79 -31.53
N TYR A 59 16.35 3.78 -30.81
CA TYR A 59 17.79 3.97 -30.74
C TYR A 59 18.26 3.93 -29.29
N GLU A 60 19.49 3.45 -29.09
CA GLU A 60 20.06 3.32 -27.75
C GLU A 60 21.17 4.35 -27.54
N LEU A 61 21.16 4.99 -26.39
CA LEU A 61 22.16 6.02 -26.06
C LEU A 61 23.08 5.57 -24.93
N ASP A 62 24.38 5.75 -25.14
CA ASP A 62 25.36 5.54 -24.07
C ASP A 62 25.96 6.89 -23.68
N ILE A 63 25.59 7.37 -22.50
CA ILE A 63 26.02 8.68 -22.04
C ILE A 63 27.12 8.56 -20.99
N LYS A 64 28.28 9.17 -21.28
CA LYS A 64 29.40 9.17 -20.36
C LYS A 64 29.61 10.58 -19.82
N PRO A 65 29.71 10.72 -18.49
CA PRO A 65 29.63 9.63 -17.50
C PRO A 65 28.23 9.08 -17.36
N GLU A 66 28.12 7.86 -16.84
CA GLU A 66 26.83 7.21 -16.65
C GLU A 66 26.28 7.55 -15.26
N LYS A 67 25.19 6.90 -14.91
CA LYS A 67 24.57 7.06 -13.60
C LYS A 67 24.35 8.54 -13.25
N CYS A 68 24.06 9.33 -14.26
CA CYS A 68 23.61 10.70 -14.04
C CYS A 68 22.10 10.66 -13.83
N PRO A 69 21.57 11.58 -13.02
CA PRO A 69 20.12 11.58 -12.81
C PRO A 69 19.38 11.77 -14.13
N ARG A 70 18.21 11.13 -14.28
CA ARG A 70 17.47 11.19 -15.53
C ARG A 70 17.24 12.64 -15.96
N ARG A 71 17.12 13.53 -14.98
CA ARG A 71 16.94 14.96 -15.26
C ARG A 71 18.04 15.49 -16.17
N VAL A 72 19.28 15.38 -15.72
CA VAL A 72 20.41 15.90 -16.50
C VAL A 72 20.56 15.12 -17.80
N ASN A 73 20.25 13.83 -17.78
CA ASN A 73 20.26 13.04 -19.00
C ASN A 73 19.33 13.67 -20.04
N ARG A 74 18.19 14.19 -19.59
CA ARG A 74 17.24 14.81 -20.48
C ARG A 74 17.77 16.14 -21.02
N GLU A 75 18.40 16.93 -20.17
CA GLU A 75 19.01 18.19 -20.60
C GLU A 75 20.07 17.90 -21.66
N ILE A 76 20.90 16.89 -21.41
CA ILE A 76 21.93 16.50 -22.36
C ILE A 76 21.31 16.17 -23.71
N VAL A 77 20.34 15.26 -23.70
CA VAL A 77 19.66 14.86 -24.92
C VAL A 77 19.00 16.07 -25.58
N GLU A 78 18.47 16.97 -24.76
CA GLU A 78 17.80 18.16 -25.28
C GLU A 78 18.79 18.98 -26.11
N HIS A 79 19.91 19.34 -25.51
CA HIS A 79 20.93 20.12 -26.19
C HIS A 79 21.53 19.36 -27.37
N MET A 80 21.53 18.03 -27.28
CA MET A 80 22.06 17.20 -28.35
C MET A 80 21.23 17.34 -29.62
N VAL A 81 19.91 17.33 -29.47
CA VAL A 81 19.02 17.46 -30.61
C VAL A 81 19.11 18.87 -31.20
N GLN A 82 19.17 19.86 -30.33
CA GLN A 82 19.25 21.26 -30.75
C GLN A 82 20.57 21.53 -31.47
N HIS A 83 21.62 20.85 -31.04
CA HIS A 83 22.97 21.11 -31.55
C HIS A 83 23.27 20.34 -32.84
N PHE A 84 22.64 19.19 -33.00
CA PHE A 84 22.93 18.31 -34.14
C PHE A 84 21.78 18.25 -35.14
N LYS A 85 21.12 19.37 -35.38
CA LYS A 85 20.07 19.42 -36.39
C LYS A 85 20.72 19.38 -37.77
N THR A 86 21.78 20.16 -37.92
CA THR A 86 22.48 20.33 -39.19
C THR A 86 22.94 19.00 -39.78
N GLN A 87 23.26 18.03 -38.91
CA GLN A 87 23.86 16.78 -39.36
C GLN A 87 22.98 15.56 -39.15
N ILE A 88 22.40 15.44 -37.96
CA ILE A 88 21.76 14.19 -37.55
C ILE A 88 20.24 14.25 -37.47
N PHE A 89 19.71 15.18 -36.68
CA PHE A 89 18.31 15.10 -36.27
C PHE A 89 17.30 15.77 -37.20
N GLY A 90 17.70 16.87 -37.83
CA GLY A 90 16.82 17.55 -38.77
C GLY A 90 15.62 18.23 -38.12
N ASP A 91 14.45 18.07 -38.75
CA ASP A 91 13.23 18.75 -38.30
C ASP A 91 12.46 17.96 -37.23
N ARG A 92 12.73 16.67 -37.17
CA ARG A 92 11.97 15.75 -36.34
C ARG A 92 12.16 16.01 -34.85
N LYS A 93 11.25 15.47 -34.03
CA LYS A 93 11.31 15.64 -32.58
C LYS A 93 11.38 14.28 -31.88
N PRO A 94 12.59 13.87 -31.48
CA PRO A 94 12.77 12.60 -30.78
C PRO A 94 12.19 12.63 -29.36
N VAL A 95 11.90 11.46 -28.82
CA VAL A 95 11.50 11.32 -27.43
C VAL A 95 12.50 10.43 -26.70
N PHE A 96 12.54 10.57 -25.38
CA PHE A 96 13.63 10.02 -24.57
C PHE A 96 13.09 9.60 -23.21
N ASP A 97 13.45 8.39 -22.76
CA ASP A 97 12.94 7.85 -21.51
C ASP A 97 13.79 8.27 -20.31
N GLY A 98 14.81 9.09 -20.56
CA GLY A 98 15.64 9.63 -19.49
C GLY A 98 16.89 8.81 -19.22
N ARG A 99 16.94 7.60 -19.76
CA ARG A 99 18.06 6.71 -19.53
C ARG A 99 18.83 6.40 -20.82
N LYS A 100 18.43 5.34 -21.51
CA LYS A 100 19.18 4.86 -22.67
C LYS A 100 18.37 4.76 -23.95
N ASN A 101 17.09 5.09 -23.90
CA ASN A 101 16.21 4.83 -25.04
C ASN A 101 15.68 6.10 -25.71
N LEU A 102 15.97 6.22 -27.00
CA LEU A 102 15.51 7.35 -27.81
C LEU A 102 14.66 6.82 -28.96
N TYR A 103 13.48 7.42 -29.17
CA TYR A 103 12.58 6.97 -30.23
C TYR A 103 12.30 8.08 -31.23
N THR A 104 12.08 7.69 -32.49
CA THR A 104 11.79 8.64 -33.55
C THR A 104 10.63 8.15 -34.41
N ALA A 105 9.91 9.10 -35.01
CA ALA A 105 8.79 8.76 -35.88
C ALA A 105 9.28 8.20 -37.22
N MET A 106 10.36 8.80 -37.74
CA MET A 106 10.97 8.34 -38.98
C MET A 106 12.44 8.05 -38.73
N PRO A 107 13.04 7.14 -39.53
CA PRO A 107 14.40 6.71 -39.27
C PRO A 107 15.40 7.86 -39.35
N LEU A 108 16.51 7.74 -38.63
CA LEU A 108 17.57 8.75 -38.66
C LEU A 108 18.62 8.38 -39.69
N PRO A 109 19.35 9.39 -40.21
CA PRO A 109 20.46 9.14 -41.14
C PRO A 109 21.60 8.44 -40.42
N ILE A 110 21.24 7.36 -39.73
CA ILE A 110 22.17 6.50 -39.02
C ILE A 110 22.02 5.12 -39.65
N GLY A 111 23.11 4.35 -39.64
CA GLY A 111 23.04 2.95 -39.99
C GLY A 111 23.98 2.16 -39.12
N ARG A 112 24.49 2.83 -38.09
CA ARG A 112 25.66 2.35 -37.39
C ARG A 112 25.78 3.18 -36.11
N ASP A 113 26.81 2.94 -35.34
CA ASP A 113 27.02 3.69 -34.11
C ASP A 113 27.80 4.98 -34.34
N LYS A 114 27.43 6.03 -33.63
CA LYS A 114 28.03 7.36 -33.81
C LYS A 114 28.34 8.01 -32.47
N VAL A 115 29.56 8.54 -32.33
CA VAL A 115 30.00 9.16 -31.09
C VAL A 115 29.99 10.69 -31.20
N GLU A 116 29.55 11.36 -30.14
CA GLU A 116 29.40 12.83 -30.18
C GLU A 116 29.58 13.45 -28.79
N LEU A 117 29.81 14.75 -28.76
CA LEU A 117 30.08 15.46 -27.51
C LEU A 117 28.95 16.44 -27.17
N GLU A 118 28.76 16.68 -25.88
CA GLU A 118 27.75 17.63 -25.41
C GLU A 118 28.28 18.45 -24.24
N VAL A 119 28.27 19.77 -24.39
CA VAL A 119 28.73 20.66 -23.34
C VAL A 119 27.57 21.38 -22.66
N THR A 120 27.35 21.06 -21.39
CA THR A 120 26.26 21.67 -20.63
C THR A 120 26.74 22.91 -19.89
N LEU A 121 25.83 23.87 -19.72
CA LEU A 121 26.14 25.10 -19.00
C LEU A 121 24.88 25.66 -18.34
N ILE A 129 30.53 18.88 -20.40
CA ILE A 129 31.12 18.00 -21.42
C ILE A 129 30.68 16.55 -21.20
N PHE A 130 29.92 16.01 -22.16
CA PHE A 130 29.44 14.63 -22.08
C PHE A 130 29.69 13.89 -23.38
N LYS A 131 30.16 12.65 -23.28
CA LYS A 131 30.29 11.78 -24.43
C LYS A 131 28.98 11.04 -24.63
N VAL A 132 28.41 11.16 -25.82
CA VAL A 132 27.13 10.52 -26.12
C VAL A 132 27.21 9.79 -27.45
N SER A 133 26.87 8.50 -27.43
CA SER A 133 26.84 7.71 -28.65
C SER A 133 25.41 7.25 -28.93
N ILE A 134 25.12 7.00 -30.20
CA ILE A 134 23.79 6.58 -30.62
C ILE A 134 23.87 5.47 -31.65
N LYS A 135 23.16 4.38 -31.40
CA LYS A 135 23.15 3.24 -32.32
C LYS A 135 21.74 2.71 -32.48
N TRP A 136 21.39 2.30 -33.69
CA TRP A 136 20.06 1.78 -33.98
C TRP A 136 19.84 0.46 -33.25
N VAL A 137 18.64 0.31 -32.69
CA VAL A 137 18.28 -0.92 -31.98
C VAL A 137 17.37 -1.78 -32.84
N SER A 138 16.16 -1.29 -33.09
CA SER A 138 15.19 -2.01 -33.92
C SER A 138 13.91 -1.22 -34.12
N CYS A 139 13.07 -1.67 -35.04
CA CYS A 139 11.81 -1.01 -35.32
C CYS A 139 10.69 -1.52 -34.43
N VAL A 140 10.03 -0.59 -33.74
CA VAL A 140 8.85 -0.91 -32.95
C VAL A 140 7.63 -0.95 -33.88
N SER A 141 6.96 -2.10 -33.94
CA SER A 141 5.82 -2.26 -34.82
C SER A 141 4.50 -1.96 -34.12
N LEU A 142 3.85 -0.90 -34.56
CA LEU A 142 2.56 -0.51 -34.00
C LEU A 142 1.42 -1.32 -34.62
N GLN A 143 1.65 -1.83 -35.83
CA GLN A 143 0.68 -2.70 -36.47
C GLN A 143 0.53 -3.98 -35.66
N ALA A 144 1.67 -4.51 -35.21
CA ALA A 144 1.68 -5.72 -34.39
C ALA A 144 0.89 -5.49 -33.10
N LEU A 145 0.94 -4.27 -32.59
CA LEU A 145 0.19 -3.92 -31.39
C LEU A 145 -1.31 -3.92 -31.71
N HIS A 146 -1.68 -3.27 -32.81
CA HIS A 146 -3.07 -3.28 -33.27
C HIS A 146 -3.61 -4.71 -33.27
N ASP A 147 -2.86 -5.61 -33.90
CA ASP A 147 -3.27 -7.01 -34.01
C ASP A 147 -3.39 -7.66 -32.65
N ALA A 148 -2.41 -7.44 -31.79
CA ALA A 148 -2.42 -8.01 -30.45
C ALA A 148 -3.65 -7.54 -29.67
N LEU A 149 -4.04 -6.30 -29.89
CA LEU A 149 -5.19 -5.73 -29.19
C LEU A 149 -6.49 -6.36 -29.66
N SER A 150 -6.51 -6.82 -30.91
CA SER A 150 -7.68 -7.51 -31.44
C SER A 150 -7.76 -8.94 -30.91
N GLY A 151 -6.66 -9.42 -30.34
CA GLY A 151 -6.66 -10.70 -29.66
C GLY A 151 -6.02 -11.83 -30.42
N ARG A 152 -5.33 -11.52 -31.53
CA ARG A 152 -4.73 -12.55 -32.35
C ARG A 152 -3.44 -13.10 -31.75
N LEU A 153 -2.54 -12.21 -31.33
CA LEU A 153 -1.26 -12.62 -30.77
C LEU A 153 -1.41 -13.07 -29.32
N PRO A 154 -0.65 -14.11 -28.93
CA PRO A 154 -0.68 -14.62 -27.55
C PRO A 154 -0.26 -13.57 -26.53
N SER A 155 0.70 -12.73 -26.89
CA SER A 155 1.24 -11.74 -25.96
C SER A 155 1.25 -10.35 -26.56
N VAL A 156 1.01 -9.34 -25.73
CA VAL A 156 1.08 -7.95 -26.16
C VAL A 156 2.54 -7.52 -26.10
N PRO A 157 3.06 -6.96 -27.20
CA PRO A 157 4.47 -6.57 -27.21
C PRO A 157 4.75 -5.44 -26.22
N PHE A 158 5.11 -5.83 -25.00
CA PHE A 158 5.38 -4.88 -23.92
C PHE A 158 6.31 -3.75 -24.36
N GLU A 159 7.24 -4.08 -25.26
CA GLU A 159 8.22 -3.11 -25.73
C GLU A 159 7.54 -1.94 -26.45
N THR A 160 6.51 -2.24 -27.23
CA THR A 160 5.83 -1.22 -28.02
C THR A 160 4.97 -0.33 -27.11
N ILE A 161 4.34 -0.94 -26.12
CA ILE A 161 3.57 -0.20 -25.13
C ILE A 161 4.50 0.78 -24.40
N GLN A 162 5.68 0.28 -24.03
CA GLN A 162 6.67 1.11 -23.36
C GLN A 162 7.05 2.29 -24.24
N ALA A 163 7.20 2.03 -25.54
CA ALA A 163 7.55 3.07 -26.50
C ALA A 163 6.48 4.17 -26.52
N LEU A 164 5.22 3.77 -26.59
CA LEU A 164 4.12 4.73 -26.60
C LEU A 164 4.16 5.57 -25.33
N ASP A 165 4.36 4.92 -24.19
CA ASP A 165 4.41 5.59 -22.90
C ASP A 165 5.48 6.68 -22.91
N VAL A 166 6.62 6.38 -23.52
CA VAL A 166 7.72 7.33 -23.60
C VAL A 166 7.32 8.55 -24.41
N VAL A 167 6.58 8.34 -25.50
CA VAL A 167 6.13 9.44 -26.33
C VAL A 167 5.19 10.35 -25.55
N MET A 168 4.23 9.74 -24.85
CA MET A 168 3.19 10.50 -24.17
C MET A 168 3.69 11.29 -22.97
N ARG A 169 4.79 10.85 -22.36
CA ARG A 169 5.27 11.51 -21.16
C ARG A 169 6.58 12.28 -21.37
N HIS A 170 7.02 12.38 -22.61
CA HIS A 170 8.24 13.12 -22.90
C HIS A 170 8.10 14.60 -22.57
N LEU A 171 7.00 15.20 -23.00
CA LEU A 171 6.78 16.64 -22.77
C LEU A 171 6.67 16.96 -21.29
N PRO A 172 5.68 16.37 -20.59
CA PRO A 172 5.55 16.64 -19.15
C PRO A 172 6.80 16.32 -18.35
N SER A 173 7.63 15.41 -18.85
CA SER A 173 8.89 15.06 -18.17
C SER A 173 9.84 16.26 -18.15
N MET A 174 9.71 17.14 -19.13
CA MET A 174 10.54 18.33 -19.21
C MET A 174 9.88 19.47 -18.42
N ARG A 175 8.56 19.47 -18.36
CA ARG A 175 7.81 20.56 -17.74
C ARG A 175 7.60 20.37 -16.23
N TYR A 176 7.69 19.14 -15.75
CA TYR A 176 7.36 18.87 -14.36
C TYR A 176 8.39 17.99 -13.67
N THR A 177 8.11 17.68 -12.40
CA THR A 177 8.94 16.78 -11.62
C THR A 177 8.33 15.38 -11.63
N PRO A 178 8.88 14.48 -12.46
CA PRO A 178 8.36 13.11 -12.50
C PRO A 178 8.66 12.33 -11.22
N VAL A 179 7.62 11.69 -10.67
CA VAL A 179 7.77 10.80 -9.53
C VAL A 179 7.04 9.51 -9.86
N GLY A 180 7.81 8.44 -10.06
CA GLY A 180 7.22 7.22 -10.57
C GLY A 180 6.49 7.55 -11.86
N ARG A 181 5.24 7.10 -11.96
CA ARG A 181 4.43 7.36 -13.16
C ARG A 181 3.64 8.68 -13.06
N SER A 182 3.95 9.49 -12.05
CA SER A 182 3.21 10.72 -11.83
C SER A 182 4.07 11.96 -12.10
N PHE A 183 3.43 13.12 -12.06
CA PHE A 183 4.11 14.39 -12.28
C PHE A 183 3.62 15.40 -11.27
N PHE A 184 4.56 16.17 -10.69
CA PHE A 184 4.21 17.17 -9.69
C PHE A 184 4.92 18.49 -9.94
N THR A 185 4.34 19.57 -9.42
CA THR A 185 4.94 20.89 -9.49
C THR A 185 4.59 21.64 -8.20
N ALA A 186 5.10 22.86 -8.07
CA ALA A 186 4.82 23.67 -6.89
C ALA A 186 3.59 24.54 -7.11
N SER A 187 2.67 24.49 -6.16
CA SER A 187 1.44 25.29 -6.25
C SER A 187 1.76 26.77 -6.37
N SER A 191 0.68 27.03 -0.16
CA SER A 191 1.34 26.10 0.74
C SER A 191 0.33 25.15 1.39
N ASN A 192 0.62 23.85 1.31
CA ASN A 192 -0.21 22.84 1.96
C ASN A 192 0.60 22.06 2.97
N PRO A 193 0.92 22.70 4.10
CA PRO A 193 1.80 22.12 5.12
C PRO A 193 1.18 20.95 5.87
N LEU A 194 2.00 19.99 6.25
CA LEU A 194 1.58 18.89 7.09
C LEU A 194 2.26 18.99 8.45
N GLY A 195 3.23 19.90 8.55
CA GLY A 195 4.06 20.02 9.73
C GLY A 195 5.27 19.10 9.63
N GLY A 196 6.21 19.27 10.55
CA GLY A 196 7.39 18.42 10.59
C GLY A 196 8.26 18.53 9.36
N GLY A 197 8.18 19.66 8.66
CA GLY A 197 8.98 19.91 7.49
C GLY A 197 8.44 19.22 6.24
N ARG A 198 7.18 18.79 6.30
CA ARG A 198 6.58 18.09 5.18
C ARG A 198 5.36 18.83 4.66
N GLU A 199 5.02 18.57 3.39
CA GLU A 199 3.86 19.18 2.77
C GLU A 199 3.34 18.28 1.65
N VAL A 200 2.08 18.47 1.28
CA VAL A 200 1.47 17.62 0.25
C VAL A 200 1.35 18.36 -1.07
N TRP A 201 1.91 17.77 -2.12
CA TRP A 201 1.84 18.34 -3.47
C TRP A 201 0.76 17.66 -4.30
N PHE A 202 0.12 18.42 -5.18
CA PHE A 202 -0.88 17.88 -6.08
C PHE A 202 -0.30 17.78 -7.48
N GLY A 203 -0.50 16.64 -8.11
CA GLY A 203 -0.03 16.40 -9.45
C GLY A 203 -0.99 15.46 -10.15
N PHE A 204 -0.49 14.68 -11.08
CA PHE A 204 -1.32 13.71 -11.76
C PHE A 204 -0.55 12.46 -12.13
N HIS A 205 -1.26 11.34 -12.23
CA HIS A 205 -0.72 10.10 -12.74
C HIS A 205 -1.02 10.01 -14.23
N GLN A 206 -0.11 9.38 -14.97
CA GLN A 206 -0.31 9.15 -16.39
C GLN A 206 0.35 7.85 -16.81
N SER A 207 -0.37 7.03 -17.60
CA SER A 207 0.18 5.80 -18.12
C SER A 207 -0.63 5.28 -19.30
N VAL A 208 0.05 4.58 -20.20
CA VAL A 208 -0.61 3.98 -21.35
C VAL A 208 -0.95 2.52 -21.04
N ARG A 209 -2.18 2.13 -21.32
CA ARG A 209 -2.64 0.80 -20.99
C ARG A 209 -3.34 0.13 -22.17
N PRO A 210 -3.18 -1.19 -22.32
CA PRO A 210 -3.89 -1.91 -23.37
C PRO A 210 -5.29 -2.32 -22.93
N SER A 211 -6.21 -2.42 -23.88
CA SER A 211 -7.53 -2.97 -23.65
C SER A 211 -7.96 -3.66 -24.93
N LEU A 212 -9.16 -4.22 -24.94
CA LEU A 212 -9.65 -4.86 -26.15
C LEU A 212 -9.85 -3.82 -27.24
N TRP A 213 -9.33 -4.10 -28.43
CA TRP A 213 -9.45 -3.23 -29.59
C TRP A 213 -8.48 -2.04 -29.61
N LYS A 214 -8.36 -1.31 -28.51
CA LYS A 214 -7.61 -0.06 -28.52
C LYS A 214 -6.72 0.17 -27.30
N MET A 215 -5.74 1.06 -27.46
CA MET A 215 -4.92 1.51 -26.34
C MET A 215 -5.67 2.57 -25.58
N MET A 216 -5.32 2.74 -24.31
CA MET A 216 -5.98 3.70 -23.45
C MET A 216 -4.94 4.54 -22.71
N LEU A 217 -5.25 5.82 -22.51
CA LEU A 217 -4.44 6.68 -21.67
C LEU A 217 -5.17 6.85 -20.35
N ASN A 218 -4.54 6.39 -19.27
CA ASN A 218 -5.11 6.48 -17.94
C ASN A 218 -4.59 7.73 -17.23
N ILE A 219 -5.51 8.64 -16.90
CA ILE A 219 -5.15 9.90 -16.25
C ILE A 219 -5.92 10.07 -14.95
N ASP A 220 -5.22 10.44 -13.89
CA ASP A 220 -5.85 10.67 -12.61
C ASP A 220 -5.11 11.73 -11.80
N VAL A 221 -5.79 12.33 -10.84
CA VAL A 221 -5.15 13.22 -9.89
C VAL A 221 -4.35 12.39 -8.91
N SER A 222 -3.24 12.94 -8.43
CA SER A 222 -2.47 12.29 -7.38
C SER A 222 -1.97 13.35 -6.42
N ALA A 223 -1.75 12.95 -5.18
CA ALA A 223 -1.24 13.84 -4.15
C ALA A 223 -0.33 13.04 -3.23
N THR A 224 0.88 13.53 -3.02
CA THR A 224 1.85 12.81 -2.19
C THR A 224 2.68 13.79 -1.37
N ALA A 225 3.34 13.28 -0.33
CA ALA A 225 4.07 14.11 0.61
C ALA A 225 5.48 14.42 0.14
N PHE A 226 5.89 15.68 0.27
CA PHE A 226 7.23 16.13 -0.05
C PHE A 226 7.81 16.89 1.13
N TYR A 227 9.14 16.97 1.19
CA TYR A 227 9.80 17.81 2.17
C TYR A 227 9.86 19.24 1.65
N LYS A 228 9.52 20.20 2.50
CA LYS A 228 9.54 21.59 2.09
C LYS A 228 10.97 22.06 1.82
N ALA A 229 11.14 22.84 0.77
CA ALA A 229 12.43 23.44 0.47
C ALA A 229 12.67 24.60 1.42
N GLN A 230 13.70 24.49 2.24
CA GLN A 230 13.96 25.48 3.27
C GLN A 230 15.34 25.26 3.87
N PRO A 231 15.88 26.28 4.55
CA PRO A 231 17.14 26.12 5.27
C PRO A 231 17.06 24.98 6.29
N VAL A 232 18.14 24.25 6.45
CA VAL A 232 18.17 23.13 7.38
C VAL A 232 17.90 23.61 8.80
N ILE A 233 18.36 24.82 9.12
CA ILE A 233 18.10 25.41 10.44
C ILE A 233 16.60 25.49 10.71
N GLU A 234 15.83 25.79 9.68
CA GLU A 234 14.37 25.86 9.85
C GLU A 234 13.80 24.45 9.91
N PHE A 235 14.46 23.52 9.24
CA PHE A 235 14.05 22.12 9.23
C PHE A 235 14.11 21.52 10.63
N VAL A 236 15.19 21.81 11.37
CA VAL A 236 15.34 21.26 12.71
C VAL A 236 14.28 21.84 13.62
N CYS A 237 13.97 23.12 13.43
CA CYS A 237 12.95 23.78 14.23
C CYS A 237 11.61 23.07 14.08
N GLU A 238 11.17 22.89 12.85
CA GLU A 238 9.86 22.30 12.58
C GLU A 238 9.77 20.87 13.08
N VAL A 239 10.89 20.15 13.01
CA VAL A 239 10.91 18.75 13.41
C VAL A 239 11.06 18.58 14.92
N LEU A 240 11.70 19.55 15.56
CA LEU A 240 11.89 19.52 17.01
C LEU A 240 10.94 20.48 17.73
N ASP A 241 9.99 21.03 16.99
CA ASP A 241 9.01 21.96 17.57
C ASP A 241 9.67 23.14 18.26
N PHE A 242 10.45 23.90 17.50
CA PHE A 242 11.00 25.16 17.98
C PHE A 242 10.29 26.30 17.27
N LYS A 243 9.99 27.36 18.00
CA LYS A 243 9.40 28.56 17.41
C LYS A 243 10.48 29.33 16.67
N SER A 244 11.64 29.44 17.30
CA SER A 244 12.81 30.05 16.67
C SER A 244 14.05 29.33 17.16
N ILE A 245 15.02 29.16 16.27
CA ILE A 245 16.23 28.40 16.60
C ILE A 245 16.93 28.94 17.85
N GLU A 246 16.56 30.16 18.25
CA GLU A 246 17.09 30.84 19.45
C GLU A 246 17.86 32.08 19.04
N LYS A 250 22.96 26.77 23.22
CA LYS A 250 22.05 25.71 23.62
C LYS A 250 22.22 24.48 22.72
N PRO A 251 23.13 23.56 23.11
CA PRO A 251 23.38 22.37 22.29
C PRO A 251 22.20 21.41 22.28
N LEU A 252 22.32 20.32 21.54
CA LEU A 252 21.23 19.35 21.44
C LEU A 252 21.42 18.20 22.41
N THR A 253 20.31 17.74 22.97
CA THR A 253 20.33 16.55 23.81
C THR A 253 20.40 15.34 22.90
N ASP A 254 20.83 14.21 23.43
CA ASP A 254 20.90 12.98 22.64
C ASP A 254 19.55 12.69 22.01
N SER A 255 18.48 12.82 22.80
CA SER A 255 17.13 12.59 22.29
C SER A 255 16.87 13.41 21.04
N GLN A 256 17.12 14.71 21.12
CA GLN A 256 16.88 15.62 20.00
C GLN A 256 17.73 15.23 18.79
N ARG A 257 19.02 15.02 19.02
CA ARG A 257 19.94 14.68 17.94
C ARG A 257 19.48 13.43 17.19
N VAL A 258 19.04 12.43 17.95
CA VAL A 258 18.58 11.18 17.35
C VAL A 258 17.35 11.41 16.48
N LYS A 259 16.39 12.20 16.98
CA LYS A 259 15.19 12.48 16.21
C LYS A 259 15.53 13.27 14.95
N PHE A 260 16.42 14.25 15.08
CA PHE A 260 16.84 15.06 13.94
C PHE A 260 17.59 14.22 12.92
N THR A 261 18.41 13.30 13.41
CA THR A 261 19.18 12.42 12.52
C THR A 261 18.23 11.54 11.71
N LYS A 262 17.27 10.91 12.39
CA LYS A 262 16.33 10.02 11.73
C LYS A 262 15.58 10.73 10.61
N GLU A 263 15.33 12.01 10.80
CA GLU A 263 14.51 12.78 9.85
C GLU A 263 15.30 13.22 8.62
N ILE A 264 16.54 13.65 8.81
CA ILE A 264 17.31 14.21 7.70
C ILE A 264 18.22 13.19 7.03
N LYS A 265 18.46 12.06 7.69
CA LYS A 265 19.34 11.04 7.15
C LYS A 265 18.80 10.54 5.82
N GLY A 266 19.62 10.64 4.76
CA GLY A 266 19.23 10.19 3.45
C GLY A 266 18.66 11.29 2.58
N LEU A 267 18.37 12.44 3.18
CA LEU A 267 17.87 13.58 2.43
C LEU A 267 19.01 14.34 1.76
N LYS A 268 18.70 14.97 0.63
CA LYS A 268 19.68 15.77 -0.08
C LYS A 268 19.65 17.21 0.42
N VAL A 269 20.83 17.80 0.57
CA VAL A 269 20.95 19.21 0.95
C VAL A 269 21.82 19.93 -0.07
N GLU A 270 21.75 21.26 -0.06
CA GLU A 270 22.56 22.07 -0.96
C GLU A 270 23.25 23.18 -0.18
N ILE A 271 24.46 23.53 -0.59
CA ILE A 271 25.29 24.48 0.15
C ILE A 271 25.08 25.90 -0.34
N THR A 272 25.02 26.84 0.61
CA THR A 272 24.70 28.23 0.31
C THR A 272 25.90 29.16 0.48
N HIS A 273 27.04 28.61 0.87
CA HIS A 273 28.20 29.42 1.21
C HIS A 273 29.16 29.61 0.02
N CYS A 274 28.88 28.94 -1.08
CA CYS A 274 29.68 29.10 -2.30
C CYS A 274 28.89 29.83 -3.38
N LYS A 278 26.84 25.66 -4.49
CA LYS A 278 25.48 25.29 -4.83
C LYS A 278 25.32 23.78 -4.92
N ARG A 279 26.43 23.05 -4.84
CA ARG A 279 26.42 21.60 -5.01
C ARG A 279 25.49 20.89 -4.04
N LYS A 280 24.94 19.76 -4.48
CA LYS A 280 24.07 18.95 -3.65
C LYS A 280 24.86 17.82 -2.98
N TYR A 281 24.47 17.51 -1.75
CA TYR A 281 25.06 16.39 -1.02
C TYR A 281 23.94 15.54 -0.46
N ARG A 282 24.21 14.25 -0.27
CA ARG A 282 23.29 13.38 0.45
C ARG A 282 23.79 13.20 1.87
N VAL A 283 22.87 13.35 2.83
CA VAL A 283 23.24 13.27 4.24
C VAL A 283 23.39 11.84 4.69
N CYS A 284 24.59 11.50 5.14
CA CYS A 284 24.89 10.16 5.64
C CYS A 284 24.59 10.05 7.13
N ASN A 285 24.78 11.15 7.86
CA ASN A 285 24.61 11.13 9.31
C ASN A 285 24.69 12.54 9.90
N VAL A 286 24.30 12.66 11.16
CA VAL A 286 24.49 13.89 11.91
C VAL A 286 25.51 13.66 13.02
N THR A 287 26.56 14.46 13.04
CA THR A 287 27.64 14.28 14.00
C THR A 287 27.12 14.36 15.43
N ARG A 288 27.82 13.68 16.34
CA ARG A 288 27.49 13.75 17.75
C ARG A 288 27.99 15.08 18.31
N ARG A 289 29.11 15.54 17.77
CA ARG A 289 29.74 16.78 18.24
C ARG A 289 29.18 18.01 17.54
N PRO A 290 29.31 19.18 18.19
CA PRO A 290 28.98 20.46 17.58
C PRO A 290 30.10 20.94 16.66
N ALA A 291 29.75 21.80 15.70
CA ALA A 291 30.70 22.30 14.71
C ALA A 291 31.92 22.95 15.36
N SER A 292 31.76 23.41 16.59
CA SER A 292 32.84 24.06 17.31
C SER A 292 33.94 23.07 17.72
N HIS A 293 33.55 21.81 17.90
CA HIS A 293 34.48 20.79 18.36
C HIS A 293 34.69 19.64 17.37
N GLN A 294 33.79 19.51 16.39
CA GLN A 294 33.93 18.47 15.38
C GLN A 294 35.16 18.76 14.53
N THR A 295 36.01 17.76 14.35
CA THR A 295 37.25 17.95 13.62
C THR A 295 37.37 17.05 12.40
N PHE A 296 38.31 17.39 11.52
CA PHE A 296 38.65 16.55 10.39
C PHE A 296 40.14 16.75 10.11
N PRO A 297 40.79 15.74 9.52
CA PRO A 297 42.22 15.81 9.25
C PRO A 297 42.54 16.57 7.96
N LEU A 298 43.04 17.80 8.08
CA LEU A 298 43.51 18.54 6.93
C LEU A 298 45.02 18.44 6.84
N GLN A 299 45.53 18.26 5.63
CA GLN A 299 46.96 18.13 5.41
C GLN A 299 47.56 19.49 5.10
N GLN A 300 48.47 19.94 5.96
CA GLN A 300 49.11 21.24 5.78
C GLN A 300 49.96 21.26 4.51
N GLU A 301 50.59 22.41 4.24
CA GLU A 301 51.41 22.56 3.06
C GLU A 301 52.54 21.52 3.07
N SER A 302 53.10 21.27 4.24
CA SER A 302 53.98 20.13 4.44
C SER A 302 53.10 18.90 4.65
N GLY A 303 53.65 17.72 4.36
CA GLY A 303 52.86 16.49 4.40
C GLY A 303 52.16 16.22 5.71
N GLN A 304 52.49 16.96 6.75
CA GLN A 304 51.91 16.74 8.07
C GLN A 304 50.42 17.05 8.10
N THR A 305 49.65 16.21 8.79
CA THR A 305 48.22 16.39 8.92
C THR A 305 47.85 16.76 10.34
N VAL A 306 46.92 17.70 10.49
CA VAL A 306 46.45 18.12 11.80
C VAL A 306 44.93 18.11 11.85
N GLU A 307 44.38 17.88 13.04
CA GLU A 307 42.93 17.90 13.22
C GLU A 307 42.46 19.36 13.29
N CYS A 308 41.50 19.69 12.44
CA CYS A 308 40.96 21.05 12.39
C CYS A 308 39.47 21.01 12.64
N THR A 309 38.97 21.96 13.41
CA THR A 309 37.54 22.02 13.69
C THR A 309 36.78 22.57 12.48
N VAL A 310 35.53 22.14 12.33
CA VAL A 310 34.71 22.61 11.23
C VAL A 310 34.53 24.13 11.35
N ALA A 311 34.27 24.59 12.57
CA ALA A 311 34.10 26.02 12.82
C ALA A 311 35.36 26.81 12.41
N GLN A 312 36.52 26.36 12.89
CA GLN A 312 37.77 27.03 12.58
C GLN A 312 38.04 27.01 11.07
N TYR A 313 37.76 25.87 10.44
CA TYR A 313 37.98 25.73 9.01
C TYR A 313 37.11 26.71 8.23
N PHE A 314 35.87 26.88 8.66
CA PHE A 314 34.95 27.78 7.96
C PHE A 314 35.33 29.24 8.20
N LYS A 315 35.97 29.51 9.33
CA LYS A 315 36.45 30.86 9.63
C LYS A 315 37.61 31.22 8.70
N ASP A 316 38.58 30.31 8.59
CA ASP A 316 39.79 30.58 7.80
C ASP A 316 39.55 30.49 6.30
N ARG A 317 38.96 29.39 5.85
CA ARG A 317 38.79 29.13 4.42
C ARG A 317 37.70 29.98 3.79
N HIS A 318 36.57 30.10 4.48
CA HIS A 318 35.39 30.76 3.91
C HIS A 318 35.11 32.13 4.54
N LYS A 319 35.92 32.53 5.50
CA LYS A 319 35.74 33.82 6.15
C LYS A 319 34.39 33.91 6.87
N LEU A 320 33.81 32.76 7.17
CA LEU A 320 32.48 32.71 7.79
C LEU A 320 32.55 32.33 9.26
N VAL A 321 32.08 33.23 10.12
CA VAL A 321 31.94 32.92 11.54
C VAL A 321 30.58 32.27 11.77
N LEU A 322 30.59 30.98 12.11
CA LEU A 322 29.35 30.23 12.29
C LEU A 322 28.50 30.87 13.38
N ARG A 323 27.25 31.19 13.02
CA ARG A 323 26.31 31.76 13.97
C ARG A 323 25.83 30.73 14.99
N TYR A 324 25.82 29.46 14.59
CA TYR A 324 25.34 28.40 15.47
C TYR A 324 26.38 27.30 15.65
N PRO A 325 27.54 27.64 16.25
CA PRO A 325 28.64 26.68 16.45
C PRO A 325 28.26 25.54 17.40
N HIS A 326 27.22 25.74 18.20
CA HIS A 326 26.83 24.76 19.21
C HIS A 326 25.98 23.64 18.62
N LEU A 327 25.58 23.80 17.35
CA LEU A 327 24.76 22.78 16.69
C LEU A 327 25.64 21.78 15.94
N PRO A 328 25.12 20.57 15.71
CA PRO A 328 25.90 19.52 15.05
C PRO A 328 26.12 19.79 13.56
N CYS A 329 26.89 18.93 12.91
CA CYS A 329 27.14 19.04 11.48
C CYS A 329 26.47 17.89 10.74
N LEU A 330 26.27 18.08 9.44
CA LEU A 330 25.79 17.03 8.58
C LEU A 330 26.99 16.32 7.95
N GLN A 331 27.05 15.01 8.10
CA GLN A 331 28.10 14.23 7.45
C GLN A 331 27.61 13.80 6.09
N VAL A 332 28.37 14.12 5.06
CA VAL A 332 27.98 13.80 3.68
C VAL A 332 29.11 13.10 2.94
N GLY A 333 28.80 12.60 1.75
CA GLY A 333 29.80 11.93 0.93
C GLY A 333 30.28 10.63 1.55
N GLN A 334 31.58 10.56 1.82
CA GLN A 334 32.18 9.36 2.36
C GLN A 334 32.52 9.53 3.84
N GLU A 335 32.36 8.43 4.59
CA GLU A 335 32.75 8.40 5.99
C GLU A 335 34.24 8.63 6.09
N GLN A 336 34.95 8.27 5.02
CA GLN A 336 36.40 8.25 5.04
C GLN A 336 37.02 9.61 4.70
N LYS A 337 36.27 10.46 3.98
CA LYS A 337 36.78 11.77 3.59
C LYS A 337 36.46 12.85 4.62
N HIS A 338 35.65 12.49 5.62
CA HIS A 338 35.38 13.39 6.74
C HIS A 338 34.81 14.72 6.28
N THR A 339 33.73 14.68 5.51
CA THR A 339 33.09 15.90 5.04
C THR A 339 31.90 16.24 5.94
N TYR A 340 32.07 17.30 6.74
CA TYR A 340 31.01 17.76 7.64
C TYR A 340 30.58 19.17 7.24
N LEU A 341 29.28 19.41 7.24
CA LEU A 341 28.75 20.73 6.86
C LEU A 341 27.93 21.31 8.00
N PRO A 342 28.21 22.56 8.38
CA PRO A 342 27.36 23.23 9.36
C PRO A 342 25.91 23.29 8.89
N LEU A 343 24.96 23.32 9.81
CA LEU A 343 23.54 23.33 9.47
C LEU A 343 23.14 24.62 8.74
N GLU A 344 23.67 25.74 9.21
CA GLU A 344 23.28 27.06 8.69
C GLU A 344 23.76 27.30 7.27
N VAL A 345 24.56 26.37 6.75
CA VAL A 345 25.11 26.49 5.41
C VAL A 345 24.32 25.62 4.41
N CYS A 346 23.33 24.89 4.92
CA CYS A 346 22.62 23.92 4.10
C CYS A 346 21.12 24.20 3.98
N ASN A 347 20.59 23.97 2.78
CA ASN A 347 19.15 23.99 2.55
C ASN A 347 18.69 22.58 2.17
N ILE A 348 17.48 22.22 2.58
CA ILE A 348 16.88 21.00 2.08
C ILE A 348 16.55 21.23 0.61
N VAL A 349 17.05 20.35 -0.26
CA VAL A 349 16.86 20.51 -1.69
C VAL A 349 15.39 20.28 -2.06
N ALA A 350 14.88 21.12 -2.96
CA ALA A 350 13.49 21.04 -3.38
C ALA A 350 13.24 19.80 -4.23
N GLY A 351 12.06 19.22 -4.09
CA GLY A 351 11.62 18.14 -4.97
C GLY A 351 11.80 16.74 -4.42
N GLN A 352 12.05 16.63 -3.13
CA GLN A 352 12.26 15.32 -2.51
C GLN A 352 10.99 14.77 -1.91
N ARG A 353 10.54 13.63 -2.44
CA ARG A 353 9.33 12.98 -1.93
C ARG A 353 9.60 12.35 -0.57
N CYS A 354 8.62 12.47 0.33
CA CYS A 354 8.74 11.89 1.66
C CYS A 354 8.38 10.40 1.61
N ILE A 355 9.30 9.57 2.05
CA ILE A 355 9.10 8.12 2.04
C ILE A 355 8.90 7.59 3.45
N LYS A 356 9.67 8.12 4.41
CA LYS A 356 9.53 7.72 5.80
C LYS A 356 8.09 7.94 6.27
N LYS A 357 7.63 7.11 7.20
CA LYS A 357 6.24 7.13 7.65
C LYS A 357 5.83 8.48 8.22
N LEU A 358 4.61 8.90 7.88
CA LEU A 358 4.05 10.13 8.41
C LEU A 358 3.48 9.89 9.81
N THR A 359 3.38 10.94 10.60
CA THR A 359 2.74 10.85 11.91
C THR A 359 1.24 10.73 11.69
N ASP A 360 0.49 10.47 12.76
CA ASP A 360 -0.95 10.31 12.65
C ASP A 360 -1.61 11.64 12.33
N ASN A 361 -1.09 12.73 12.88
CA ASN A 361 -1.59 14.06 12.60
C ASN A 361 -1.34 14.45 11.15
N GLN A 362 -0.11 14.18 10.68
CA GLN A 362 0.26 14.45 9.29
C GLN A 362 -0.64 13.67 8.34
N THR A 363 -0.80 12.38 8.61
CA THR A 363 -1.63 11.51 7.78
C THR A 363 -3.06 12.03 7.76
N SER A 364 -3.55 12.47 8.91
CA SER A 364 -4.91 12.97 9.04
C SER A 364 -5.11 14.22 8.19
N THR A 365 -4.19 15.15 8.30
CA THR A 365 -4.28 16.42 7.55
C THR A 365 -4.21 16.15 6.05
N MET A 366 -3.33 15.24 5.65
CA MET A 366 -3.16 14.91 4.25
C MET A 366 -4.41 14.29 3.66
N ILE A 367 -4.99 13.35 4.40
CA ILE A 367 -6.23 12.69 3.96
C ILE A 367 -7.33 13.73 3.80
N ARG A 368 -7.44 14.62 4.78
CA ARG A 368 -8.42 15.69 4.75
C ARG A 368 -8.25 16.58 3.53
N ALA A 369 -7.00 16.94 3.26
CA ALA A 369 -6.69 17.89 2.18
C ALA A 369 -6.86 17.28 0.79
N THR A 370 -6.89 15.95 0.71
CA THR A 370 -6.86 15.27 -0.58
C THR A 370 -8.18 14.58 -0.93
N ALA A 371 -9.05 14.40 0.05
CA ALA A 371 -10.34 13.75 -0.18
C ALA A 371 -11.19 14.56 -1.16
N ARG A 372 -11.64 13.90 -2.23
CA ARG A 372 -12.52 14.53 -3.21
C ARG A 372 -13.71 13.61 -3.49
N SER A 373 -14.91 14.18 -3.50
CA SER A 373 -16.09 13.43 -3.92
C SER A 373 -15.87 12.95 -5.35
N ALA A 374 -16.58 11.90 -5.75
CA ALA A 374 -16.41 11.34 -7.09
C ALA A 374 -16.71 12.38 -8.17
N PRO A 375 -17.83 13.10 -8.06
CA PRO A 375 -18.12 14.14 -9.05
C PRO A 375 -17.00 15.18 -9.13
N ASP A 376 -16.50 15.62 -7.98
CA ASP A 376 -15.43 16.60 -7.94
C ASP A 376 -14.14 16.05 -8.57
N ARG A 377 -13.85 14.77 -8.32
CA ARG A 377 -12.66 14.16 -8.86
C ARG A 377 -12.74 14.06 -10.37
N GLN A 378 -13.91 13.69 -10.87
CA GLN A 378 -14.12 13.58 -12.31
C GLN A 378 -13.85 14.92 -13.00
N GLU A 379 -14.31 16.01 -12.38
CA GLU A 379 -14.09 17.35 -12.91
C GLU A 379 -12.62 17.70 -12.90
N GLU A 380 -11.92 17.35 -11.83
CA GLU A 380 -10.49 17.63 -11.74
C GLU A 380 -9.75 16.92 -12.87
N ILE A 381 -10.17 15.70 -13.20
CA ILE A 381 -9.52 14.95 -14.26
C ILE A 381 -9.79 15.59 -15.62
N SER A 382 -11.01 16.08 -15.82
CA SER A 382 -11.37 16.78 -17.04
C SER A 382 -10.51 18.03 -17.22
N LYS A 383 -10.20 18.71 -16.12
CA LYS A 383 -9.32 19.87 -16.17
C LYS A 383 -7.91 19.45 -16.55
N LEU A 384 -7.43 18.36 -15.95
CA LEU A 384 -6.09 17.85 -16.26
C LEU A 384 -5.98 17.56 -17.75
N MET A 385 -7.03 16.95 -18.31
CA MET A 385 -7.06 16.62 -19.72
C MET A 385 -6.97 17.89 -20.57
N ARG A 386 -7.71 18.91 -20.18
CA ARG A 386 -7.74 20.16 -20.93
C ARG A 386 -6.38 20.84 -20.91
N SER A 387 -5.74 20.87 -19.76
CA SER A 387 -4.43 21.52 -19.63
C SER A 387 -3.31 20.64 -20.17
N ALA A 388 -3.57 19.35 -20.29
CA ALA A 388 -2.61 18.43 -20.88
C ALA A 388 -2.57 18.64 -22.39
N SER A 389 -3.73 18.94 -22.97
CA SER A 389 -3.83 19.21 -24.40
C SER A 389 -2.94 18.28 -25.21
N PHE A 390 -3.17 16.98 -25.08
CA PHE A 390 -2.37 15.98 -25.78
C PHE A 390 -2.37 16.21 -27.29
N ASN A 391 -3.52 16.61 -27.82
CA ASN A 391 -3.67 16.75 -29.26
C ASN A 391 -2.96 17.98 -29.83
N THR A 392 -2.30 18.75 -28.98
CA THR A 392 -1.47 19.86 -29.44
C THR A 392 -0.01 19.65 -29.03
N ASP A 393 0.26 18.57 -28.31
CA ASP A 393 1.63 18.23 -27.91
C ASP A 393 2.44 17.88 -29.14
N PRO A 394 3.46 18.68 -29.45
CA PRO A 394 4.23 18.50 -30.70
C PRO A 394 4.89 17.13 -30.79
N TYR A 395 5.22 16.53 -29.66
CA TYR A 395 5.82 15.20 -29.66
C TYR A 395 4.77 14.12 -29.90
N VAL A 396 3.56 14.33 -29.39
CA VAL A 396 2.47 13.40 -29.61
C VAL A 396 2.03 13.48 -31.08
N ARG A 397 1.91 14.70 -31.59
CA ARG A 397 1.53 14.91 -32.97
C ARG A 397 2.63 14.42 -33.90
N GLU A 398 3.88 14.59 -33.47
CA GLU A 398 5.03 14.11 -34.22
C GLU A 398 4.90 12.62 -34.53
N PHE A 399 4.41 11.88 -33.54
CA PHE A 399 4.22 10.44 -33.69
C PHE A 399 2.80 10.11 -34.18
N GLY A 400 2.11 11.13 -34.68
CA GLY A 400 0.79 10.96 -35.27
C GLY A 400 -0.22 10.34 -34.34
N ILE A 401 -0.06 10.57 -33.04
CA ILE A 401 -0.99 10.02 -32.05
C ILE A 401 -2.09 11.01 -31.74
N MET A 402 -3.26 10.49 -31.40
CA MET A 402 -4.40 11.32 -31.02
C MET A 402 -5.07 10.75 -29.78
N VAL A 403 -5.51 11.63 -28.89
CA VAL A 403 -6.18 11.20 -27.67
C VAL A 403 -7.58 11.81 -27.56
N LYS A 404 -8.57 10.95 -27.31
CA LYS A 404 -9.95 11.38 -27.17
C LYS A 404 -10.13 12.21 -25.90
N ASP A 405 -10.94 13.25 -25.98
CA ASP A 405 -11.11 14.18 -24.86
C ASP A 405 -12.08 13.66 -23.81
N GLU A 406 -13.01 12.81 -24.22
CA GLU A 406 -14.05 12.30 -23.32
C GLU A 406 -13.61 11.00 -22.66
N MET A 407 -14.08 10.78 -21.44
CA MET A 407 -13.82 9.52 -20.74
C MET A 407 -14.47 8.38 -21.49
N THR A 408 -13.93 7.18 -21.32
CA THR A 408 -14.49 6.01 -21.97
C THR A 408 -15.81 5.61 -21.32
N ASP A 409 -16.83 5.39 -22.16
CA ASP A 409 -18.11 4.88 -21.69
C ASP A 409 -18.00 3.38 -21.48
N VAL A 410 -18.47 2.90 -20.34
CA VAL A 410 -18.48 1.47 -20.06
C VAL A 410 -19.73 1.11 -19.27
N THR A 411 -20.34 -0.01 -19.65
CA THR A 411 -21.48 -0.55 -18.93
C THR A 411 -20.98 -1.47 -17.83
N GLY A 412 -21.28 -1.11 -16.59
CA GLY A 412 -20.96 -1.97 -15.46
C GLY A 412 -22.16 -2.80 -15.08
N ARG A 413 -21.97 -3.69 -14.11
CA ARG A 413 -23.05 -4.52 -13.60
C ARG A 413 -23.03 -4.51 -12.08
N VAL A 414 -24.17 -4.17 -11.48
CA VAL A 414 -24.29 -4.12 -10.03
C VAL A 414 -24.76 -5.47 -9.52
N LEU A 415 -23.81 -6.27 -9.06
CA LEU A 415 -24.11 -7.62 -8.58
C LEU A 415 -25.02 -7.57 -7.38
N GLN A 416 -25.91 -8.55 -7.29
CA GLN A 416 -26.79 -8.68 -6.14
C GLN A 416 -25.97 -9.12 -4.94
N PRO A 417 -26.20 -8.47 -3.78
CA PRO A 417 -25.47 -8.86 -2.58
C PRO A 417 -26.02 -10.17 -2.01
N PRO A 418 -25.19 -10.92 -1.28
CA PRO A 418 -25.67 -12.13 -0.62
C PRO A 418 -26.47 -11.80 0.62
N SER A 419 -27.32 -12.71 1.05
CA SER A 419 -28.04 -12.56 2.31
C SER A 419 -27.12 -13.02 3.44
N ILE A 420 -27.23 -12.36 4.59
CA ILE A 420 -26.39 -12.68 5.74
C ILE A 420 -27.23 -13.35 6.81
N LEU A 421 -26.94 -14.62 7.07
CA LEU A 421 -27.71 -15.40 8.03
C LEU A 421 -27.17 -15.23 9.44
N TYR A 422 -28.04 -14.81 10.35
CA TYR A 422 -27.70 -14.71 11.76
C TYR A 422 -28.35 -15.86 12.53
N GLY A 423 -28.02 -15.97 13.81
CA GLY A 423 -28.49 -17.09 14.62
C GLY A 423 -29.02 -16.69 15.97
N GLY A 424 -29.92 -17.51 16.50
CA GLY A 424 -30.62 -17.22 17.73
C GLY A 424 -32.06 -17.62 17.56
N ARG A 425 -32.94 -17.09 18.40
CA ARG A 425 -34.36 -17.38 18.29
C ARG A 425 -34.86 -16.99 16.90
N ASN A 426 -34.51 -15.77 16.48
CA ASN A 426 -34.99 -15.23 15.21
C ASN A 426 -34.38 -15.90 13.99
N LYS A 427 -33.10 -16.25 14.07
CA LYS A 427 -32.36 -16.71 12.90
C LYS A 427 -32.57 -15.73 11.75
N ALA A 428 -32.44 -14.44 12.06
CA ALA A 428 -32.74 -13.38 11.12
C ALA A 428 -31.81 -13.37 9.91
N ILE A 429 -32.38 -13.01 8.77
CA ILE A 429 -31.60 -12.85 7.55
C ILE A 429 -31.48 -11.37 7.21
N ALA A 430 -30.26 -10.85 7.25
CA ALA A 430 -30.01 -9.45 6.94
C ALA A 430 -29.73 -9.29 5.45
N THR A 431 -30.36 -8.29 4.84
CA THR A 431 -30.16 -7.99 3.43
C THR A 431 -29.35 -6.72 3.26
N PRO A 432 -28.06 -6.84 2.92
CA PRO A 432 -27.22 -5.67 2.71
C PRO A 432 -27.85 -4.67 1.74
N VAL A 433 -27.80 -3.39 2.11
CA VAL A 433 -28.28 -2.32 1.24
C VAL A 433 -27.20 -1.27 1.13
N GLN A 434 -26.78 -0.99 -0.11
CA GLN A 434 -25.70 -0.05 -0.38
C GLN A 434 -24.43 -0.45 0.39
N GLY A 435 -24.15 -1.74 0.42
CA GLY A 435 -22.93 -2.24 1.04
C GLY A 435 -22.95 -2.27 2.56
N VAL A 436 -24.13 -2.09 3.14
CA VAL A 436 -24.25 -1.98 4.59
C VAL A 436 -25.47 -2.74 5.11
N TRP A 437 -25.34 -3.28 6.31
CA TRP A 437 -26.49 -3.81 7.05
C TRP A 437 -26.22 -3.59 8.54
N ASP A 438 -27.15 -4.02 9.38
CA ASP A 438 -26.99 -3.84 10.82
C ASP A 438 -27.51 -5.06 11.58
N MET A 439 -27.30 -5.05 12.89
CA MET A 439 -27.60 -6.21 13.71
C MET A 439 -28.84 -5.99 14.59
N ARG A 440 -29.57 -4.93 14.31
CA ARG A 440 -30.79 -4.64 15.07
C ARG A 440 -31.81 -5.75 14.88
N ASN A 441 -32.30 -6.29 15.98
CA ASN A 441 -33.24 -7.42 15.96
C ASN A 441 -32.56 -8.69 15.45
N LYS A 442 -31.24 -8.76 15.60
CA LYS A 442 -30.47 -9.91 15.16
C LYS A 442 -29.47 -10.35 16.23
N GLN A 443 -29.12 -11.63 16.22
CA GLN A 443 -28.16 -12.18 17.18
C GLN A 443 -27.13 -13.05 16.47
N PHE A 444 -25.93 -13.13 17.04
CA PHE A 444 -24.83 -13.87 16.42
C PHE A 444 -25.22 -15.30 16.05
N HIS A 445 -24.72 -15.77 14.92
CA HIS A 445 -25.06 -17.10 14.41
C HIS A 445 -24.76 -18.14 15.48
N THR A 446 -23.49 -18.17 15.90
CA THR A 446 -23.04 -19.00 17.02
C THR A 446 -22.39 -18.11 18.07
N GLY A 447 -23.23 -17.53 18.93
CA GLY A 447 -22.78 -16.58 19.94
C GLY A 447 -22.24 -17.31 21.15
N ILE A 448 -21.17 -16.77 21.72
CA ILE A 448 -20.55 -17.38 22.89
C ILE A 448 -21.03 -16.71 24.18
N GLU A 449 -21.28 -17.53 25.19
CA GLU A 449 -21.67 -17.01 26.50
C GLU A 449 -20.41 -16.78 27.33
N ILE A 450 -20.29 -15.58 27.89
CA ILE A 450 -19.11 -15.21 28.67
C ILE A 450 -19.44 -15.21 30.15
N LYS A 451 -18.90 -16.20 30.86
CA LYS A 451 -19.14 -16.34 32.29
C LYS A 451 -17.96 -15.86 33.13
N VAL A 452 -16.77 -15.82 32.50
CA VAL A 452 -15.57 -15.41 33.21
C VAL A 452 -14.73 -14.46 32.36
N TRP A 453 -14.53 -13.25 32.85
CA TRP A 453 -13.72 -12.25 32.16
C TRP A 453 -13.19 -11.22 33.15
N ALA A 454 -12.15 -10.50 32.75
CA ALA A 454 -11.50 -9.54 33.64
C ALA A 454 -11.23 -8.22 32.94
N ILE A 455 -11.24 -7.14 33.73
CA ILE A 455 -10.92 -5.82 33.22
C ILE A 455 -9.60 -5.33 33.80
N ALA A 456 -8.70 -4.90 32.93
CA ALA A 456 -7.43 -4.32 33.34
C ALA A 456 -7.30 -2.91 32.79
N CYS A 457 -7.37 -1.92 33.67
CA CYS A 457 -7.38 -0.53 33.24
C CYS A 457 -6.00 0.10 33.38
N PHE A 458 -5.36 0.39 32.26
CA PHE A 458 -4.05 1.03 32.25
C PHE A 458 -4.16 2.55 32.18
N ALA A 459 -5.39 3.04 32.11
CA ALA A 459 -5.63 4.48 32.17
C ALA A 459 -5.69 4.94 33.62
N PRO A 460 -5.15 6.13 33.91
CA PRO A 460 -5.13 6.65 35.29
C PRO A 460 -6.53 6.71 35.89
N GLN A 461 -6.68 6.27 37.14
CA GLN A 461 -7.97 6.27 37.80
C GLN A 461 -8.59 7.66 37.86
N ARG A 462 -7.73 8.68 37.84
CA ARG A 462 -8.20 10.07 37.87
C ARG A 462 -9.23 10.32 36.78
N GLN A 463 -8.88 9.96 35.55
CA GLN A 463 -9.75 10.19 34.40
C GLN A 463 -10.76 9.05 34.21
N CYS A 464 -10.29 7.82 34.38
CA CYS A 464 -11.16 6.65 34.26
C CYS A 464 -11.47 6.09 35.64
N THR A 465 -12.60 6.51 36.21
CA THR A 465 -12.94 6.16 37.59
C THR A 465 -13.77 4.88 37.67
N GLU A 466 -14.02 4.42 38.89
CA GLU A 466 -14.85 3.24 39.11
C GLU A 466 -16.23 3.47 38.51
N VAL A 467 -16.70 4.71 38.59
CA VAL A 467 -17.98 5.10 38.01
C VAL A 467 -18.00 4.79 36.51
N HIS A 468 -16.95 5.24 35.82
CA HIS A 468 -16.85 5.01 34.38
C HIS A 468 -16.76 3.52 34.05
N LEU A 469 -16.03 2.79 34.87
CA LEU A 469 -15.82 1.36 34.62
C LEU A 469 -17.13 0.58 34.70
N LYS A 470 -17.93 0.85 35.72
CA LYS A 470 -19.18 0.11 35.93
C LYS A 470 -20.30 0.64 35.03
N SER A 471 -20.16 1.88 34.57
CA SER A 471 -21.09 2.41 33.57
C SER A 471 -20.82 1.72 32.24
N PHE A 472 -19.55 1.63 31.89
CA PHE A 472 -19.12 0.94 30.68
C PHE A 472 -19.48 -0.54 30.74
N THR A 473 -19.14 -1.19 31.85
CA THR A 473 -19.43 -2.60 32.04
C THR A 473 -20.92 -2.86 31.87
N GLU A 474 -21.74 -2.09 32.56
CA GLU A 474 -23.19 -2.26 32.51
C GLU A 474 -23.71 -2.20 31.08
N GLN A 475 -23.30 -1.18 30.33
CA GLN A 475 -23.80 -0.98 28.98
C GLN A 475 -23.29 -2.06 28.03
N LEU A 476 -22.07 -2.54 28.27
CA LEU A 476 -21.48 -3.57 27.41
C LEU A 476 -22.25 -4.88 27.54
N ARG A 477 -22.60 -5.25 28.76
CA ARG A 477 -23.40 -6.44 29.00
C ARG A 477 -24.74 -6.31 28.29
N LYS A 478 -25.39 -5.18 28.51
CA LYS A 478 -26.67 -4.87 27.89
C LYS A 478 -26.62 -5.09 26.38
N ILE A 479 -25.61 -4.51 25.74
CA ILE A 479 -25.44 -4.65 24.30
C ILE A 479 -25.08 -6.09 23.93
N SER A 480 -24.27 -6.73 24.77
CA SER A 480 -23.82 -8.08 24.48
C SER A 480 -24.98 -9.06 24.47
N ARG A 481 -26.01 -8.77 25.26
CA ARG A 481 -27.20 -9.61 25.32
C ARG A 481 -28.02 -9.43 24.05
N ASP A 482 -28.17 -8.18 23.61
CA ASP A 482 -28.90 -7.89 22.39
C ASP A 482 -28.25 -8.60 21.21
N ALA A 483 -26.92 -8.70 21.24
CA ALA A 483 -26.17 -9.26 20.13
C ALA A 483 -26.18 -10.80 20.15
N GLY A 484 -26.52 -11.38 21.29
CA GLY A 484 -26.54 -12.83 21.42
C GLY A 484 -25.21 -13.38 21.89
N MET A 485 -24.36 -12.52 22.46
CA MET A 485 -23.11 -12.93 23.08
C MET A 485 -23.19 -12.54 24.55
N PRO A 486 -24.07 -13.20 25.30
CA PRO A 486 -24.40 -12.78 26.67
C PRO A 486 -23.21 -12.77 27.63
N ILE A 487 -22.85 -11.59 28.12
CA ILE A 487 -21.91 -11.48 29.21
C ILE A 487 -22.68 -11.70 30.50
N GLN A 488 -22.57 -12.92 31.03
CA GLN A 488 -23.49 -13.42 32.05
C GLN A 488 -23.45 -12.65 33.37
N GLY A 489 -22.32 -12.02 33.68
CA GLY A 489 -22.19 -11.32 34.94
C GLY A 489 -21.07 -10.29 34.97
N GLN A 490 -20.81 -9.75 36.15
CA GLN A 490 -19.76 -8.77 36.35
C GLN A 490 -18.39 -9.41 36.19
N PRO A 491 -17.36 -8.61 35.91
CA PRO A 491 -16.00 -9.12 35.77
C PRO A 491 -15.47 -9.70 37.08
N CYS A 492 -14.70 -10.77 36.99
CA CYS A 492 -14.17 -11.44 38.18
C CYS A 492 -12.95 -10.70 38.75
N PHE A 493 -12.44 -9.74 37.99
CA PHE A 493 -11.25 -9.00 38.38
C PHE A 493 -11.22 -7.61 37.75
N CYS A 494 -10.85 -6.61 38.53
CA CYS A 494 -10.75 -5.24 38.05
C CYS A 494 -9.68 -4.49 38.84
N LYS A 495 -8.61 -4.10 38.15
CA LYS A 495 -7.51 -3.38 38.80
C LYS A 495 -6.86 -2.39 37.85
N TYR A 496 -6.26 -1.35 38.42
CA TYR A 496 -5.51 -0.36 37.65
C TYR A 496 -4.04 -0.75 37.58
N ALA A 497 -3.36 -0.27 36.55
CA ALA A 497 -1.94 -0.60 36.35
C ALA A 497 -1.26 0.48 35.51
N GLN A 498 0.02 0.29 35.23
CA GLN A 498 0.80 1.27 34.48
C GLN A 498 2.21 0.76 34.19
N GLY A 499 2.88 1.42 33.24
CA GLY A 499 4.29 1.17 32.99
C GLY A 499 4.58 0.20 31.86
N ALA A 500 3.59 -0.61 31.49
CA ALA A 500 3.77 -1.63 30.46
C ALA A 500 4.76 -2.71 30.92
N ASP A 501 5.16 -2.64 32.17
CA ASP A 501 6.01 -3.66 32.76
C ASP A 501 5.16 -4.59 33.62
N SER A 502 3.93 -4.16 33.88
CA SER A 502 3.03 -4.89 34.76
C SER A 502 2.10 -5.82 33.99
N VAL A 503 2.31 -5.90 32.68
CA VAL A 503 1.41 -6.66 31.82
C VAL A 503 1.53 -8.16 32.09
N GLU A 504 2.72 -8.71 31.83
CA GLU A 504 2.91 -10.15 31.96
C GLU A 504 2.65 -10.65 33.38
N PRO A 505 3.19 -9.93 34.38
CA PRO A 505 2.93 -10.32 35.78
C PRO A 505 1.44 -10.44 36.08
N MET A 506 0.68 -9.40 35.73
CA MET A 506 -0.75 -9.40 35.96
C MET A 506 -1.42 -10.55 35.21
N PHE A 507 -0.96 -10.77 33.98
CA PHE A 507 -1.55 -11.80 33.13
C PHE A 507 -1.23 -13.20 33.63
N ARG A 508 0.01 -13.41 34.07
CA ARG A 508 0.38 -14.66 34.72
C ARG A 508 -0.58 -14.91 35.87
N HIS A 509 -0.84 -13.85 36.63
CA HIS A 509 -1.69 -13.93 37.81
C HIS A 509 -3.13 -14.32 37.46
N LEU A 510 -3.68 -13.66 36.44
CA LEU A 510 -5.07 -13.90 36.06
C LEU A 510 -5.29 -15.34 35.60
N LYS A 511 -4.40 -15.83 34.75
CA LYS A 511 -4.54 -17.16 34.18
C LYS A 511 -4.52 -18.23 35.26
N ASN A 512 -3.50 -18.19 36.11
CA ASN A 512 -3.36 -19.18 37.18
C ASN A 512 -4.50 -19.13 38.18
N THR A 513 -5.08 -17.96 38.36
CA THR A 513 -6.09 -17.75 39.39
C THR A 513 -7.50 -18.15 38.94
N TYR A 514 -7.98 -17.50 37.89
CA TYR A 514 -9.37 -17.66 37.48
C TYR A 514 -9.56 -18.75 36.45
N ALA A 515 -10.21 -19.84 36.87
CA ALA A 515 -10.45 -20.98 36.00
C ALA A 515 -11.47 -20.64 34.92
N GLY A 516 -11.18 -21.04 33.69
CA GLY A 516 -12.07 -20.81 32.58
C GLY A 516 -12.10 -19.35 32.16
N LEU A 517 -11.06 -18.60 32.51
CA LEU A 517 -10.96 -17.20 32.11
C LEU A 517 -11.00 -17.09 30.58
N GLN A 518 -11.95 -16.32 30.08
CA GLN A 518 -12.19 -16.25 28.64
C GLN A 518 -11.60 -14.98 28.02
N LEU A 519 -11.91 -13.83 28.62
CA LEU A 519 -11.53 -12.55 28.04
C LEU A 519 -10.91 -11.61 29.05
N VAL A 520 -9.90 -10.85 28.62
CA VAL A 520 -9.32 -9.79 29.42
C VAL A 520 -9.45 -8.46 28.68
N VAL A 521 -10.36 -7.61 29.14
CA VAL A 521 -10.56 -6.30 28.53
C VAL A 521 -9.54 -5.30 29.07
N VAL A 522 -8.70 -4.79 28.17
CA VAL A 522 -7.65 -3.84 28.56
C VAL A 522 -8.01 -2.42 28.14
N ILE A 523 -7.82 -1.48 29.05
CA ILE A 523 -8.14 -0.08 28.78
C ILE A 523 -6.88 0.77 28.73
N LEU A 524 -6.66 1.43 27.60
CA LEU A 524 -5.42 2.19 27.38
C LEU A 524 -5.69 3.69 27.25
N PRO A 525 -4.72 4.51 27.68
CA PRO A 525 -4.84 5.97 27.60
C PRO A 525 -4.21 6.51 26.32
N GLY A 526 -4.84 6.22 25.17
CA GLY A 526 -4.29 6.64 23.90
C GLY A 526 -3.11 5.78 23.49
N LYS A 527 -2.35 6.25 22.51
CA LYS A 527 -1.18 5.52 22.02
C LYS A 527 -0.22 5.24 23.17
N THR A 528 0.34 4.03 23.18
CA THR A 528 1.22 3.61 24.26
C THR A 528 1.87 2.26 23.95
N PRO A 529 3.11 2.05 24.41
CA PRO A 529 3.80 0.78 24.17
C PRO A 529 3.16 -0.42 24.88
N VAL A 530 2.28 -0.18 25.85
CA VAL A 530 1.66 -1.29 26.57
C VAL A 530 0.78 -2.15 25.65
N TYR A 531 0.18 -1.53 24.64
CA TYR A 531 -0.64 -2.27 23.70
C TYR A 531 0.18 -3.40 23.06
N ALA A 532 1.40 -3.09 22.66
CA ALA A 532 2.28 -4.06 22.04
C ALA A 532 2.52 -5.24 22.98
N GLU A 533 2.89 -4.94 24.22
CA GLU A 533 3.15 -5.98 25.22
C GLU A 533 1.91 -6.82 25.50
N VAL A 534 0.76 -6.17 25.57
CA VAL A 534 -0.50 -6.88 25.82
C VAL A 534 -0.73 -7.95 24.76
N LYS A 535 -0.49 -7.58 23.51
CA LYS A 535 -0.65 -8.52 22.41
C LYS A 535 0.49 -9.54 22.38
N ARG A 536 1.66 -9.13 22.85
CA ARG A 536 2.81 -10.03 22.88
C ARG A 536 2.59 -11.15 23.89
N VAL A 537 2.23 -10.79 25.11
CA VAL A 537 2.04 -11.79 26.16
C VAL A 537 0.72 -12.54 25.96
N GLY A 538 -0.28 -11.85 25.42
CA GLY A 538 -1.58 -12.45 25.18
C GLY A 538 -1.55 -13.47 24.06
N ASP A 539 -1.00 -13.08 22.92
CA ASP A 539 -0.98 -13.93 21.74
C ASP A 539 0.23 -14.87 21.72
N THR A 540 1.37 -14.39 22.19
CA THR A 540 2.64 -15.08 21.99
C THR A 540 3.19 -15.81 23.22
N VAL A 541 2.68 -15.50 24.41
CA VAL A 541 3.22 -16.10 25.63
C VAL A 541 2.21 -16.97 26.37
N LEU A 542 1.17 -16.34 26.91
CA LEU A 542 0.19 -17.05 27.73
C LEU A 542 -0.98 -17.60 26.91
N GLY A 543 -1.18 -17.05 25.73
CA GLY A 543 -2.25 -17.50 24.86
C GLY A 543 -3.63 -17.20 25.43
N MET A 544 -3.88 -15.93 25.73
CA MET A 544 -5.16 -15.51 26.27
C MET A 544 -5.81 -14.46 25.36
N ALA A 545 -7.12 -14.55 25.20
CA ALA A 545 -7.85 -13.62 24.36
C ALA A 545 -7.95 -12.26 25.07
N THR A 546 -7.58 -11.20 24.36
CA THR A 546 -7.60 -9.86 24.92
C THR A 546 -8.32 -8.89 23.98
N GLN A 547 -9.03 -7.93 24.56
CA GLN A 547 -9.69 -6.89 23.79
C GLN A 547 -9.39 -5.52 24.38
N CYS A 548 -8.57 -4.74 23.69
CA CYS A 548 -8.20 -3.42 24.17
C CYS A 548 -9.30 -2.40 23.84
N VAL A 549 -9.35 -1.34 24.64
CA VAL A 549 -10.34 -0.28 24.46
C VAL A 549 -9.74 1.04 24.91
N GLN A 550 -9.92 2.08 24.11
CA GLN A 550 -9.42 3.40 24.47
C GLN A 550 -10.16 3.95 25.67
N MET A 551 -9.43 4.67 26.52
CA MET A 551 -9.99 5.30 27.71
C MET A 551 -11.22 6.15 27.37
N LYS A 552 -11.17 6.84 26.24
CA LYS A 552 -12.25 7.74 25.85
C LYS A 552 -13.54 7.00 25.51
N ASN A 553 -13.42 5.73 25.12
CA ASN A 553 -14.59 4.95 24.71
C ASN A 553 -15.25 4.19 25.85
N VAL A 554 -14.69 4.27 27.05
CA VAL A 554 -15.34 3.72 28.23
C VAL A 554 -15.94 4.84 29.08
N GLN A 555 -15.43 6.07 28.89
CA GLN A 555 -15.97 7.23 29.58
C GLN A 555 -17.35 7.58 29.02
N ARG A 556 -17.45 7.57 27.69
CA ARG A 556 -18.71 7.86 27.01
C ARG A 556 -18.99 6.74 26.01
N THR A 557 -20.03 5.95 26.29
CA THR A 557 -20.33 4.78 25.48
C THR A 557 -21.39 5.07 24.43
N THR A 558 -21.32 4.31 23.33
CA THR A 558 -22.32 4.39 22.27
C THR A 558 -22.72 2.97 21.85
N PRO A 559 -24.03 2.73 21.65
CA PRO A 559 -24.48 1.39 21.28
C PRO A 559 -23.72 0.82 20.09
N GLN A 560 -23.56 1.64 19.04
CA GLN A 560 -22.83 1.21 17.85
C GLN A 560 -21.40 0.78 18.17
N THR A 561 -20.68 1.61 18.92
CA THR A 561 -19.30 1.31 19.28
C THR A 561 -19.22 0.00 20.08
N LEU A 562 -19.95 -0.05 21.19
CA LEU A 562 -19.96 -1.25 22.02
C LEU A 562 -20.41 -2.46 21.21
N SER A 563 -21.34 -2.23 20.27
CA SER A 563 -21.81 -3.30 19.41
C SER A 563 -20.68 -3.79 18.51
N ASN A 564 -19.97 -2.85 17.88
CA ASN A 564 -18.82 -3.20 17.05
C ASN A 564 -17.75 -3.92 17.86
N LEU A 565 -17.62 -3.51 19.13
CA LEU A 565 -16.67 -4.14 20.03
C LEU A 565 -17.03 -5.60 20.26
N CYS A 566 -18.33 -5.89 20.31
CA CYS A 566 -18.79 -7.26 20.50
C CYS A 566 -18.47 -8.13 19.28
N LEU A 567 -18.40 -7.53 18.10
CA LEU A 567 -18.06 -8.27 16.90
C LEU A 567 -16.69 -8.92 17.06
N LYS A 568 -15.73 -8.13 17.55
CA LYS A 568 -14.37 -8.59 17.72
C LYS A 568 -14.25 -9.62 18.84
N ILE A 569 -14.96 -9.37 19.93
CA ILE A 569 -14.91 -10.25 21.10
C ILE A 569 -15.42 -11.65 20.77
N ASN A 570 -16.66 -11.73 20.27
CA ASN A 570 -17.27 -13.01 19.96
C ASN A 570 -16.38 -13.84 19.05
N VAL A 571 -15.77 -13.19 18.08
CA VAL A 571 -14.87 -13.85 17.14
C VAL A 571 -13.61 -14.35 17.86
N LYS A 572 -13.04 -13.48 18.69
CA LYS A 572 -11.81 -13.81 19.40
C LYS A 572 -12.00 -15.00 20.34
N LEU A 573 -13.24 -15.21 20.78
CA LEU A 573 -13.54 -16.30 21.71
C LEU A 573 -14.01 -17.57 20.99
N GLY A 574 -14.11 -17.50 19.67
CA GLY A 574 -14.43 -18.67 18.86
C GLY A 574 -15.84 -18.70 18.30
N GLY A 575 -16.56 -17.58 18.43
CA GLY A 575 -17.93 -17.50 17.96
C GLY A 575 -18.02 -17.30 16.47
N VAL A 576 -19.23 -17.43 15.94
CA VAL A 576 -19.50 -17.15 14.53
C VAL A 576 -20.53 -16.02 14.45
N ASN A 577 -20.05 -14.82 14.17
CA ASN A 577 -20.92 -13.65 14.09
C ASN A 577 -22.07 -13.86 13.10
N ASN A 578 -21.73 -14.31 11.90
CA ASN A 578 -22.74 -14.67 10.90
C ASN A 578 -22.11 -15.51 9.81
N ILE A 579 -22.94 -15.92 8.84
CA ILE A 579 -22.44 -16.65 7.68
C ILE A 579 -23.24 -16.28 6.45
N LEU A 580 -22.64 -16.47 5.27
CA LEU A 580 -23.38 -16.32 4.03
C LEU A 580 -24.55 -17.28 4.04
N LEU A 581 -25.71 -16.83 3.58
CA LEU A 581 -26.85 -17.72 3.46
C LEU A 581 -26.40 -18.94 2.67
N PRO A 582 -26.38 -20.12 3.32
CA PRO A 582 -25.86 -21.35 2.70
C PRO A 582 -26.28 -21.52 1.24
N GLN A 583 -27.57 -21.45 0.95
CA GLN A 583 -28.03 -21.48 -0.44
C GLN A 583 -27.79 -20.11 -1.04
N GLY A 584 -27.60 -20.06 -2.36
CA GLY A 584 -27.26 -18.82 -3.02
C GLY A 584 -25.75 -18.65 -3.12
N ARG A 585 -25.01 -19.53 -2.47
CA ARG A 585 -23.56 -19.56 -2.60
C ARG A 585 -23.20 -20.13 -3.97
N PRO A 586 -22.03 -19.72 -4.51
CA PRO A 586 -21.58 -20.24 -5.80
C PRO A 586 -21.36 -21.76 -5.76
N PRO A 587 -21.48 -22.44 -6.90
CA PRO A 587 -21.32 -23.90 -7.01
C PRO A 587 -19.99 -24.43 -6.47
N VAL A 588 -18.98 -23.56 -6.35
CA VAL A 588 -17.67 -23.96 -5.85
C VAL A 588 -17.77 -24.64 -4.49
N PHE A 589 -18.74 -24.20 -3.68
CA PHE A 589 -18.93 -24.76 -2.35
C PHE A 589 -19.55 -26.16 -2.35
N GLN A 590 -19.85 -26.68 -3.54
CA GLN A 590 -20.42 -28.02 -3.65
C GLN A 590 -19.42 -29.09 -3.19
N GLN A 591 -18.13 -28.73 -3.21
CA GLN A 591 -17.08 -29.64 -2.74
C GLN A 591 -16.20 -28.89 -1.73
N PRO A 592 -15.55 -29.63 -0.82
CA PRO A 592 -14.65 -28.99 0.14
C PRO A 592 -13.64 -28.07 -0.55
N VAL A 593 -13.62 -26.80 -0.13
CA VAL A 593 -12.75 -25.80 -0.73
C VAL A 593 -12.11 -24.96 0.37
N ILE A 594 -10.84 -24.60 0.18
CA ILE A 594 -10.19 -23.71 1.12
C ILE A 594 -9.85 -22.36 0.48
N PHE A 595 -10.11 -21.28 1.21
CA PHE A 595 -9.84 -19.95 0.73
C PHE A 595 -8.61 -19.40 1.45
N LEU A 596 -7.62 -18.97 0.69
CA LEU A 596 -6.41 -18.42 1.27
C LEU A 596 -6.28 -16.94 0.96
N GLY A 597 -5.74 -16.19 1.92
CA GLY A 597 -5.45 -14.79 1.72
C GLY A 597 -4.00 -14.56 2.07
N ALA A 598 -3.28 -13.85 1.21
CA ALA A 598 -1.85 -13.64 1.40
C ALA A 598 -1.46 -12.19 1.15
N ASP A 599 -0.52 -11.70 1.95
CA ASP A 599 -0.03 -10.33 1.82
C ASP A 599 1.38 -10.24 2.42
N VAL A 600 2.15 -9.27 1.96
CA VAL A 600 3.45 -8.99 2.53
C VAL A 600 3.56 -7.50 2.85
N THR A 601 3.89 -7.19 4.11
CA THR A 601 4.01 -5.81 4.53
C THR A 601 5.48 -5.44 4.71
N HIS A 602 5.88 -4.31 4.13
CA HIS A 602 7.26 -3.87 4.20
C HIS A 602 7.38 -2.70 5.19
N PRO A 603 8.41 -2.75 6.05
CA PRO A 603 8.62 -1.68 7.03
C PRO A 603 9.04 -0.38 6.38
N PRO A 604 9.07 0.71 7.16
CA PRO A 604 9.37 2.04 6.61
C PRO A 604 10.87 2.28 6.45
N LYS A 609 18.55 -2.92 8.74
CA LYS A 609 17.21 -2.93 8.20
C LYS A 609 16.29 -3.83 9.02
N LYS A 610 14.99 -3.64 8.85
CA LYS A 610 14.00 -4.51 9.48
C LYS A 610 13.30 -5.35 8.42
N PRO A 611 12.93 -6.58 8.77
CA PRO A 611 12.41 -7.54 7.79
C PRO A 611 11.01 -7.22 7.30
N SER A 612 10.69 -7.75 6.12
CA SER A 612 9.31 -7.75 5.65
C SER A 612 8.58 -8.87 6.35
N ILE A 613 7.26 -8.78 6.39
CA ILE A 613 6.44 -9.78 7.05
C ILE A 613 5.42 -10.38 6.08
N ALA A 614 5.48 -11.69 5.90
CA ALA A 614 4.55 -12.40 5.04
C ALA A 614 3.48 -13.07 5.89
N ALA A 615 2.23 -12.94 5.49
CA ALA A 615 1.13 -13.52 6.22
C ALA A 615 0.21 -14.26 5.25
N VAL A 616 -0.15 -15.48 5.63
CA VAL A 616 -1.10 -16.28 4.84
C VAL A 616 -2.16 -16.84 5.78
N VAL A 617 -3.42 -16.58 5.48
CA VAL A 617 -4.52 -17.12 6.27
C VAL A 617 -5.35 -18.08 5.42
N GLY A 618 -5.99 -19.03 6.08
CA GLY A 618 -6.82 -20.01 5.39
C GLY A 618 -8.14 -20.24 6.09
N SER A 619 -9.20 -20.41 5.31
CA SER A 619 -10.52 -20.68 5.87
C SER A 619 -10.51 -22.07 6.51
N MET A 620 -11.32 -22.24 7.54
CA MET A 620 -11.34 -23.49 8.31
C MET A 620 -12.73 -24.10 8.42
N ASP A 621 -13.68 -23.58 7.65
CA ASP A 621 -15.01 -24.17 7.59
C ASP A 621 -15.68 -23.88 6.24
N ALA A 622 -16.90 -24.35 6.07
CA ALA A 622 -17.57 -24.31 4.78
C ALA A 622 -18.42 -23.05 4.59
N HIS A 623 -18.49 -22.21 5.61
CA HIS A 623 -19.41 -21.08 5.60
C HIS A 623 -19.13 -20.07 4.47
N PRO A 624 -17.90 -19.58 4.36
CA PRO A 624 -16.73 -19.75 5.24
C PRO A 624 -16.59 -18.57 6.19
N ASN A 625 -16.25 -18.84 7.45
CA ASN A 625 -16.15 -17.77 8.44
C ASN A 625 -14.82 -17.76 9.19
N ARG A 626 -14.43 -18.90 9.73
CA ARG A 626 -13.26 -18.97 10.60
C ARG A 626 -11.98 -19.13 9.78
N TYR A 627 -10.93 -18.43 10.21
CA TYR A 627 -9.64 -18.46 9.54
C TYR A 627 -8.50 -18.71 10.52
N CYS A 628 -7.51 -19.50 10.08
CA CYS A 628 -6.27 -19.63 10.83
C CYS A 628 -5.16 -18.85 10.12
N ALA A 629 -4.21 -18.36 10.90
CA ALA A 629 -3.16 -17.51 10.36
C ALA A 629 -1.79 -18.15 10.46
N THR A 630 -0.99 -17.96 9.42
CA THR A 630 0.43 -18.28 9.46
C THR A 630 1.18 -17.00 9.12
N VAL A 631 2.34 -16.80 9.74
CA VAL A 631 3.09 -15.58 9.53
C VAL A 631 4.58 -15.89 9.53
N ARG A 632 5.34 -15.12 8.76
CA ARG A 632 6.77 -15.32 8.65
C ARG A 632 7.51 -13.99 8.51
N VAL A 633 8.65 -13.91 9.19
CA VAL A 633 9.59 -12.81 8.98
C VAL A 633 10.47 -13.20 7.80
N GLN A 634 10.78 -12.25 6.93
CA GLN A 634 11.63 -12.54 5.78
C GLN A 634 12.44 -11.32 5.32
N GLN A 635 13.23 -11.51 4.27
CA GLN A 635 14.13 -10.49 3.76
C GLN A 635 13.47 -9.13 3.55
N HIS A 636 14.18 -8.09 3.94
CA HIS A 636 13.72 -6.72 3.78
C HIS A 636 13.34 -6.43 2.34
N ARG A 637 12.08 -6.03 2.14
CA ARG A 637 11.58 -5.61 0.83
C ARG A 637 11.45 -6.73 -0.20
N GLN A 638 11.47 -7.98 0.26
CA GLN A 638 11.24 -9.10 -0.63
C GLN A 638 9.74 -9.27 -0.85
N GLU A 639 9.32 -9.31 -2.11
CA GLU A 639 7.91 -9.35 -2.47
C GLU A 639 7.37 -10.78 -2.40
N ILE A 640 8.18 -11.73 -2.85
CA ILE A 640 7.78 -13.14 -2.84
C ILE A 640 7.73 -13.67 -1.42
N ILE A 641 6.75 -14.51 -1.14
CA ILE A 641 6.66 -15.17 0.16
C ILE A 641 7.57 -16.40 0.15
N GLN A 642 8.73 -16.27 0.78
CA GLN A 642 9.78 -17.28 0.73
C GLN A 642 9.31 -18.64 1.23
N ASP A 643 8.61 -18.64 2.36
CA ASP A 643 8.27 -19.89 3.04
C ASP A 643 6.81 -20.29 2.80
N LEU A 644 6.28 -19.97 1.63
CA LEU A 644 4.86 -20.19 1.34
C LEU A 644 4.47 -21.66 1.44
N ALA A 645 5.30 -22.53 0.87
CA ALA A 645 5.01 -23.96 0.86
C ALA A 645 4.67 -24.46 2.28
N ALA A 646 5.55 -24.16 3.23
CA ALA A 646 5.36 -24.60 4.60
C ALA A 646 4.13 -23.95 5.23
N MET A 647 3.88 -22.69 4.88
CA MET A 647 2.73 -21.98 5.42
C MET A 647 1.43 -22.59 4.92
N VAL A 648 1.38 -22.90 3.63
CA VAL A 648 0.19 -23.51 3.04
C VAL A 648 -0.02 -24.91 3.60
N ARG A 649 1.07 -25.63 3.85
CA ARG A 649 1.00 -26.96 4.41
C ARG A 649 0.34 -26.91 5.78
N GLU A 650 0.81 -26.02 6.64
CA GLU A 650 0.24 -25.83 7.97
C GLU A 650 -1.26 -25.59 7.89
N LEU A 651 -1.68 -24.78 6.93
CA LEU A 651 -3.09 -24.42 6.80
C LEU A 651 -3.91 -25.61 6.29
N LEU A 652 -3.37 -26.37 5.35
CA LEU A 652 -4.07 -27.53 4.82
C LEU A 652 -4.31 -28.53 5.94
N ILE A 653 -3.31 -28.70 6.81
CA ILE A 653 -3.42 -29.63 7.93
C ILE A 653 -4.48 -29.16 8.92
N GLN A 654 -4.47 -27.86 9.24
CA GLN A 654 -5.48 -27.30 10.14
C GLN A 654 -6.88 -27.45 9.56
N PHE A 655 -7.00 -27.23 8.25
CA PHE A 655 -8.27 -27.39 7.55
C PHE A 655 -8.79 -28.81 7.71
N TYR A 656 -7.92 -29.78 7.49
CA TYR A 656 -8.33 -31.18 7.59
C TYR A 656 -8.70 -31.55 9.03
N LYS A 657 -7.94 -31.04 9.98
CA LYS A 657 -8.22 -31.30 11.39
C LYS A 657 -9.56 -30.70 11.78
N SER A 658 -9.89 -29.56 11.19
CA SER A 658 -11.15 -28.89 11.52
C SER A 658 -12.34 -29.54 10.81
N THR A 659 -12.21 -29.82 9.52
CA THR A 659 -13.36 -30.26 8.74
C THR A 659 -13.38 -31.76 8.47
N ARG A 660 -12.27 -32.42 8.76
CA ARG A 660 -12.08 -33.81 8.35
C ARG A 660 -12.22 -33.96 6.84
N PHE A 661 -11.95 -32.87 6.11
CA PHE A 661 -11.96 -32.91 4.65
C PHE A 661 -10.63 -32.44 4.09
N LYS A 662 -10.26 -32.97 2.93
CA LYS A 662 -9.12 -32.46 2.18
C LYS A 662 -9.64 -31.58 1.06
N PRO A 663 -9.18 -30.31 1.02
CA PRO A 663 -9.68 -29.40 -0.01
C PRO A 663 -9.57 -29.96 -1.42
N THR A 664 -10.67 -29.88 -2.18
CA THR A 664 -10.66 -30.24 -3.59
C THR A 664 -10.13 -29.07 -4.42
N ARG A 665 -10.30 -27.86 -3.90
CA ARG A 665 -9.86 -26.66 -4.58
C ARG A 665 -9.20 -25.68 -3.62
N ILE A 666 -8.17 -24.99 -4.10
CA ILE A 666 -7.53 -23.93 -3.33
C ILE A 666 -7.72 -22.61 -4.06
N ILE A 667 -8.43 -21.67 -3.43
CA ILE A 667 -8.63 -20.35 -3.99
C ILE A 667 -7.70 -19.38 -3.28
N PHE A 668 -6.75 -18.83 -4.03
CA PHE A 668 -5.64 -18.07 -3.45
C PHE A 668 -5.71 -16.58 -3.84
N TYR A 669 -6.18 -15.74 -2.92
CA TYR A 669 -6.20 -14.29 -3.13
C TYR A 669 -4.90 -13.65 -2.63
N ARG A 670 -4.14 -13.10 -3.56
CA ARG A 670 -2.82 -12.53 -3.26
C ARG A 670 -2.83 -11.01 -3.41
N ASP A 671 -2.61 -10.30 -2.30
CA ASP A 671 -2.60 -8.85 -2.32
C ASP A 671 -1.17 -8.33 -2.26
N GLY A 672 -0.95 -7.12 -2.77
CA GLY A 672 0.35 -6.47 -2.72
C GLY A 672 1.30 -6.88 -3.81
N VAL A 673 0.78 -7.05 -5.02
CA VAL A 673 1.60 -7.42 -6.18
C VAL A 673 1.43 -6.43 -7.33
N SER A 674 2.48 -6.23 -8.11
CA SER A 674 2.45 -5.33 -9.25
C SER A 674 2.53 -6.10 -10.57
N GLU A 675 2.21 -5.42 -11.67
CA GLU A 675 2.25 -6.04 -12.98
C GLU A 675 3.67 -6.48 -13.35
N GLY A 676 4.65 -5.72 -12.88
CA GLY A 676 6.04 -6.05 -13.14
C GLY A 676 6.50 -7.27 -12.37
N GLN A 677 5.60 -7.85 -11.59
CA GLN A 677 5.93 -8.98 -10.73
C GLN A 677 5.03 -10.20 -10.94
N PHE A 678 3.99 -10.06 -11.76
CA PHE A 678 3.04 -11.15 -11.97
C PHE A 678 3.73 -12.45 -12.38
N GLN A 679 4.72 -12.35 -13.26
CA GLN A 679 5.42 -13.52 -13.75
C GLN A 679 6.23 -14.19 -12.65
N GLN A 680 7.08 -13.41 -11.99
CA GLN A 680 7.95 -13.94 -10.96
C GLN A 680 7.17 -14.42 -9.75
N VAL A 681 6.13 -13.67 -9.37
CA VAL A 681 5.29 -14.05 -8.23
C VAL A 681 4.58 -15.37 -8.51
N LEU A 682 3.88 -15.43 -9.63
CA LEU A 682 3.14 -16.63 -10.01
C LEU A 682 4.06 -17.85 -10.04
N HIS A 683 5.27 -17.67 -10.58
CA HIS A 683 6.18 -18.79 -10.78
C HIS A 683 6.55 -19.48 -9.48
N HIS A 684 7.11 -18.71 -8.54
CA HIS A 684 7.57 -19.28 -7.28
C HIS A 684 6.42 -19.70 -6.39
N GLU A 685 5.36 -18.89 -6.34
CA GLU A 685 4.29 -19.11 -5.37
C GLU A 685 3.28 -20.17 -5.82
N LEU A 686 2.97 -20.22 -7.11
CA LEU A 686 2.13 -21.29 -7.63
C LEU A 686 2.82 -22.63 -7.39
N LEU A 687 4.13 -22.68 -7.69
CA LEU A 687 4.90 -23.90 -7.47
C LEU A 687 4.93 -24.25 -6.00
N ALA A 688 5.06 -23.24 -5.14
CA ALA A 688 5.12 -23.45 -3.70
C ALA A 688 3.83 -24.08 -3.20
N ILE A 689 2.70 -23.64 -3.76
CA ILE A 689 1.41 -24.17 -3.38
C ILE A 689 1.30 -25.65 -3.78
N ARG A 690 1.73 -25.95 -5.01
CA ARG A 690 1.75 -27.32 -5.49
C ARG A 690 2.67 -28.17 -4.63
N GLU A 691 3.83 -27.62 -4.30
CA GLU A 691 4.82 -28.31 -3.47
C GLU A 691 4.24 -28.69 -2.10
N ALA A 692 3.44 -27.79 -1.54
CA ALA A 692 2.80 -28.04 -0.26
C ALA A 692 1.88 -29.26 -0.34
N CYS A 693 1.14 -29.36 -1.43
CA CYS A 693 0.22 -30.49 -1.64
C CYS A 693 0.99 -31.80 -1.79
N ILE A 694 2.05 -31.76 -2.59
CA ILE A 694 2.84 -32.96 -2.84
C ILE A 694 3.53 -33.42 -1.57
N LYS A 695 4.15 -32.49 -0.85
CA LYS A 695 4.87 -32.83 0.38
C LYS A 695 3.90 -33.44 1.39
N LEU A 696 2.61 -33.23 1.16
CA LEU A 696 1.58 -33.75 2.04
C LEU A 696 1.16 -35.15 1.61
N GLU A 697 0.87 -35.29 0.32
CA GLU A 697 0.40 -36.55 -0.23
C GLU A 697 0.81 -36.67 -1.70
N LYS A 698 1.35 -37.82 -2.07
CA LYS A 698 1.87 -38.03 -3.42
C LYS A 698 0.90 -37.57 -4.51
N ASP A 699 -0.34 -38.03 -4.46
CA ASP A 699 -1.29 -37.75 -5.53
C ASP A 699 -2.37 -36.73 -5.16
N TYR A 700 -2.13 -35.94 -4.12
CA TYR A 700 -3.07 -34.89 -3.75
C TYR A 700 -2.85 -33.69 -4.66
N GLN A 701 -3.78 -33.47 -5.59
CA GLN A 701 -3.65 -32.42 -6.59
C GLN A 701 -4.93 -31.62 -6.73
N PRO A 702 -5.28 -30.82 -5.71
CA PRO A 702 -6.48 -29.99 -5.81
C PRO A 702 -6.33 -28.90 -6.87
N GLY A 703 -7.43 -28.45 -7.44
CA GLY A 703 -7.39 -27.37 -8.40
C GLY A 703 -7.02 -26.06 -7.73
N ILE A 704 -6.04 -25.36 -8.30
CA ILE A 704 -5.60 -24.10 -7.75
C ILE A 704 -6.09 -22.92 -8.59
N THR A 705 -6.64 -21.92 -7.93
CA THR A 705 -6.99 -20.67 -8.58
C THR A 705 -6.19 -19.55 -7.93
N PHE A 706 -5.37 -18.87 -8.73
CA PHE A 706 -4.48 -17.84 -8.24
C PHE A 706 -4.96 -16.45 -8.69
N ILE A 707 -5.41 -15.66 -7.74
CA ILE A 707 -5.98 -14.34 -8.04
C ILE A 707 -5.18 -13.24 -7.34
N VAL A 708 -4.71 -12.27 -8.12
CA VAL A 708 -4.02 -11.10 -7.57
C VAL A 708 -5.01 -9.96 -7.33
N VAL A 709 -4.98 -9.42 -6.11
CA VAL A 709 -5.85 -8.32 -5.73
C VAL A 709 -5.06 -7.03 -5.66
N GLN A 710 -5.56 -5.98 -6.32
CA GLN A 710 -4.83 -4.72 -6.38
C GLN A 710 -5.76 -3.53 -6.11
N LYS A 711 -5.47 -2.81 -5.03
CA LYS A 711 -6.17 -1.59 -4.68
C LYS A 711 -5.38 -0.38 -5.15
N ARG A 712 -4.09 -0.62 -5.41
CA ARG A 712 -3.16 0.46 -5.68
C ARG A 712 -3.00 0.71 -7.18
N HIS A 713 -4.02 1.33 -7.76
CA HIS A 713 -4.02 1.67 -9.17
C HIS A 713 -4.82 2.96 -9.33
N HIS A 714 -4.93 3.46 -10.55
CA HIS A 714 -5.59 4.74 -10.79
C HIS A 714 -6.79 4.65 -11.72
N THR A 715 -7.38 3.47 -11.80
CA THR A 715 -8.68 3.31 -12.45
C THR A 715 -9.79 3.84 -11.56
N ARG A 716 -10.57 4.76 -12.11
CA ARG A 716 -11.69 5.35 -11.39
C ARG A 716 -12.94 5.26 -12.22
N LEU A 717 -14.04 4.84 -11.59
CA LEU A 717 -15.32 4.71 -12.28
C LEU A 717 -16.31 5.71 -11.73
N PHE A 718 -17.09 6.32 -12.61
CA PHE A 718 -18.07 7.33 -12.22
C PHE A 718 -19.44 7.03 -12.82
N CYS A 719 -20.48 7.26 -12.02
CA CYS A 719 -21.85 7.11 -12.52
C CYS A 719 -22.13 8.14 -13.59
N THR A 720 -22.72 7.69 -14.70
CA THR A 720 -23.15 8.59 -15.76
C THR A 720 -24.47 9.24 -15.35
N ASP A 721 -25.38 8.42 -14.82
CA ASP A 721 -26.67 8.90 -14.36
C ASP A 721 -26.55 9.33 -12.89
N LYS A 722 -26.92 10.58 -12.62
CA LYS A 722 -26.84 11.13 -11.26
C LYS A 722 -27.60 10.27 -10.25
N ASN A 723 -28.74 9.74 -10.67
CA ASN A 723 -29.60 8.96 -9.78
C ASN A 723 -28.93 7.71 -9.22
N GLU A 724 -27.82 7.31 -9.83
CA GLU A 724 -27.11 6.11 -9.40
C GLU A 724 -26.00 6.42 -8.40
N ARG A 725 -25.76 7.72 -8.15
CA ARG A 725 -24.77 8.13 -7.17
C ARG A 725 -25.22 7.78 -5.76
N VAL A 726 -24.27 7.34 -4.93
CA VAL A 726 -24.59 6.94 -3.57
C VAL A 726 -23.86 7.82 -2.55
N GLY A 727 -24.62 8.35 -1.60
CA GLY A 727 -24.04 9.11 -0.49
C GLY A 727 -23.57 10.50 -0.88
N LYS A 728 -23.01 11.21 0.09
CA LYS A 728 -22.49 12.55 -0.14
C LYS A 728 -21.35 12.55 -1.14
N SER A 729 -20.56 11.47 -1.14
CA SER A 729 -19.40 11.38 -2.00
C SER A 729 -19.78 10.97 -3.43
N GLY A 730 -21.05 10.64 -3.63
CA GLY A 730 -21.58 10.33 -4.95
C GLY A 730 -20.85 9.24 -5.72
N ASN A 731 -20.44 8.19 -5.01
CA ASN A 731 -19.73 7.08 -5.67
C ASN A 731 -20.64 6.04 -6.29
N ILE A 732 -20.05 5.22 -7.16
CA ILE A 732 -20.74 4.05 -7.70
C ILE A 732 -21.19 3.17 -6.56
N PRO A 733 -22.24 2.37 -6.80
CA PRO A 733 -22.79 1.51 -5.74
C PRO A 733 -21.93 0.28 -5.45
N ALA A 734 -22.03 -0.22 -4.24
CA ALA A 734 -21.36 -1.46 -3.88
C ALA A 734 -21.84 -2.56 -4.82
N GLY A 735 -20.91 -3.39 -5.30
CA GLY A 735 -21.23 -4.49 -6.18
C GLY A 735 -20.99 -4.17 -7.64
N THR A 736 -20.59 -2.93 -7.93
CA THR A 736 -20.35 -2.50 -9.30
C THR A 736 -19.17 -3.26 -9.90
N THR A 737 -19.44 -3.95 -11.01
CA THR A 737 -18.46 -4.83 -11.63
C THR A 737 -18.23 -4.47 -13.09
N VAL A 738 -16.97 -4.41 -13.50
CA VAL A 738 -16.61 -4.15 -14.89
C VAL A 738 -15.55 -5.16 -15.35
N ASP A 739 -15.89 -5.94 -16.36
CA ASP A 739 -14.93 -6.87 -16.96
C ASP A 739 -14.86 -6.67 -18.47
N THR A 740 -15.27 -5.49 -18.92
CA THR A 740 -15.23 -5.15 -20.34
C THR A 740 -14.64 -3.76 -20.59
N LYS A 741 -14.17 -3.54 -21.82
CA LYS A 741 -13.82 -2.21 -22.32
C LYS A 741 -12.50 -1.64 -21.82
N ILE A 742 -12.28 -1.64 -20.51
CA ILE A 742 -11.05 -1.09 -19.94
C ILE A 742 -10.16 -2.18 -19.34
N THR A 743 -10.54 -3.43 -19.55
CA THR A 743 -9.81 -4.56 -18.98
C THR A 743 -8.85 -5.15 -20.00
N HIS A 744 -8.11 -6.17 -19.56
CA HIS A 744 -7.07 -6.79 -20.38
C HIS A 744 -7.69 -7.42 -21.64
N PRO A 745 -7.03 -7.23 -22.79
CA PRO A 745 -7.59 -7.70 -24.07
C PRO A 745 -7.84 -9.20 -24.14
N THR A 746 -6.87 -10.01 -23.72
CA THR A 746 -7.03 -11.46 -23.72
C THR A 746 -7.28 -12.09 -22.35
N GLU A 747 -6.47 -11.75 -21.36
CA GLU A 747 -6.50 -12.42 -20.06
C GLU A 747 -7.76 -12.21 -19.22
N PHE A 748 -7.79 -12.85 -18.06
CA PHE A 748 -8.98 -12.95 -17.23
C PHE A 748 -8.88 -12.02 -16.02
N ASP A 749 -9.45 -10.83 -16.13
CA ASP A 749 -9.40 -9.85 -15.05
C ASP A 749 -10.67 -9.00 -15.00
N PHE A 750 -10.95 -8.44 -13.83
CA PHE A 750 -12.12 -7.59 -13.66
C PHE A 750 -11.97 -6.61 -12.50
N TYR A 751 -12.69 -5.49 -12.59
CA TYR A 751 -12.79 -4.56 -11.48
C TYR A 751 -14.07 -4.86 -10.71
N LEU A 752 -13.99 -4.80 -9.39
CA LEU A 752 -15.17 -5.00 -8.56
C LEU A 752 -15.10 -4.06 -7.37
N CYS A 753 -15.99 -3.06 -7.37
CA CYS A 753 -16.10 -2.16 -6.23
C CYS A 753 -17.09 -2.79 -5.26
N SER A 754 -16.55 -3.53 -4.29
CA SER A 754 -17.38 -4.34 -3.39
C SER A 754 -17.89 -3.53 -2.20
N HIS A 755 -17.36 -2.33 -2.02
CA HIS A 755 -17.67 -1.53 -0.84
C HIS A 755 -18.39 -0.24 -1.21
N ALA A 756 -19.08 0.34 -0.22
CA ALA A 756 -19.73 1.62 -0.39
C ALA A 756 -18.72 2.72 -0.11
N GLY A 757 -18.66 3.70 -1.01
CA GLY A 757 -17.79 4.84 -0.82
C GLY A 757 -18.34 5.76 0.27
N ILE A 758 -17.56 5.94 1.33
CA ILE A 758 -17.97 6.77 2.45
C ILE A 758 -17.53 8.21 2.22
N GLN A 759 -16.22 8.41 2.07
CA GLN A 759 -15.66 9.71 1.77
C GLN A 759 -14.71 9.58 0.60
N GLY A 760 -14.45 10.69 -0.09
CA GLY A 760 -13.57 10.68 -1.23
C GLY A 760 -14.09 9.80 -2.34
N THR A 761 -13.24 9.52 -3.32
CA THR A 761 -13.63 8.70 -4.46
C THR A 761 -13.21 7.25 -4.21
N SER A 762 -14.11 6.33 -4.52
CA SER A 762 -13.86 4.91 -4.29
C SER A 762 -12.78 4.37 -5.21
N ARG A 763 -11.95 3.47 -4.67
CA ARG A 763 -11.01 2.70 -5.47
C ARG A 763 -11.64 1.34 -5.76
N PRO A 764 -12.04 1.09 -7.01
CA PRO A 764 -12.50 -0.26 -7.34
C PRO A 764 -11.35 -1.26 -7.29
N SER A 765 -11.48 -2.30 -6.47
CA SER A 765 -10.44 -3.33 -6.42
C SER A 765 -10.36 -4.01 -7.77
N HIS A 766 -9.13 -4.32 -8.20
CA HIS A 766 -8.92 -5.04 -9.44
C HIS A 766 -8.48 -6.48 -9.14
N TYR A 767 -9.03 -7.42 -9.89
CA TYR A 767 -8.71 -8.84 -9.69
C TYR A 767 -8.20 -9.45 -10.98
N HIS A 768 -7.00 -10.02 -10.93
CA HIS A 768 -6.39 -10.64 -12.09
C HIS A 768 -6.10 -12.11 -11.82
N VAL A 769 -6.74 -12.98 -12.61
CA VAL A 769 -6.58 -14.42 -12.44
C VAL A 769 -5.34 -14.89 -13.19
N LEU A 770 -4.28 -15.20 -12.43
CA LEU A 770 -3.02 -15.62 -13.01
C LEU A 770 -2.97 -17.13 -13.28
N TRP A 771 -3.90 -17.87 -12.67
CA TRP A 771 -3.97 -19.31 -12.87
C TRP A 771 -5.32 -19.84 -12.39
N ASP A 772 -5.91 -20.77 -13.14
CA ASP A 772 -7.22 -21.31 -12.78
C ASP A 772 -7.41 -22.75 -13.26
N ASP A 773 -7.08 -23.71 -12.39
CA ASP A 773 -7.31 -25.11 -12.68
C ASP A 773 -8.80 -25.42 -12.68
N ASN A 774 -9.56 -24.55 -12.00
CA ASN A 774 -10.96 -24.83 -11.73
C ASN A 774 -11.92 -24.28 -12.78
N ARG A 775 -11.37 -23.62 -13.79
CA ARG A 775 -12.15 -23.17 -14.93
C ARG A 775 -13.43 -22.43 -14.51
N PHE A 776 -13.25 -21.40 -13.68
CA PHE A 776 -14.36 -20.54 -13.30
C PHE A 776 -14.92 -19.81 -14.49
N SER A 777 -16.23 -19.62 -14.50
CA SER A 777 -16.86 -18.66 -15.40
C SER A 777 -16.61 -17.27 -14.80
N SER A 778 -16.72 -16.23 -15.61
CA SER A 778 -16.54 -14.86 -15.13
C SER A 778 -17.52 -14.57 -14.01
N ASP A 779 -18.78 -14.95 -14.23
CA ASP A 779 -19.85 -14.69 -13.27
C ASP A 779 -19.58 -15.31 -11.91
N GLU A 780 -19.23 -16.60 -11.90
CA GLU A 780 -19.07 -17.30 -10.63
C GLU A 780 -17.93 -16.72 -9.80
N LEU A 781 -16.80 -16.44 -10.44
CA LEU A 781 -15.65 -15.92 -9.72
C LEU A 781 -15.93 -14.52 -9.19
N GLN A 782 -16.64 -13.71 -9.98
CA GLN A 782 -16.95 -12.35 -9.58
C GLN A 782 -17.95 -12.34 -8.43
N ILE A 783 -18.95 -13.22 -8.49
CA ILE A 783 -19.92 -13.32 -7.42
C ILE A 783 -19.26 -13.86 -6.17
N LEU A 784 -18.45 -14.91 -6.33
CA LEU A 784 -17.74 -15.50 -5.21
C LEU A 784 -16.90 -14.44 -4.50
N THR A 785 -16.14 -13.68 -5.28
CA THR A 785 -15.28 -12.63 -4.75
C THR A 785 -16.08 -11.58 -3.98
N TYR A 786 -17.23 -11.21 -4.52
CA TYR A 786 -18.10 -10.22 -3.90
C TYR A 786 -18.66 -10.75 -2.57
N GLN A 787 -19.11 -12.00 -2.57
CA GLN A 787 -19.66 -12.60 -1.35
C GLN A 787 -18.61 -12.70 -0.24
N LEU A 788 -17.37 -13.00 -0.62
CA LEU A 788 -16.29 -13.10 0.36
C LEU A 788 -16.00 -11.76 1.00
N CYS A 789 -16.38 -10.68 0.32
CA CYS A 789 -16.24 -9.35 0.88
C CYS A 789 -17.29 -9.08 1.97
N HIS A 790 -18.26 -9.99 2.10
CA HIS A 790 -19.33 -9.86 3.08
C HIS A 790 -19.09 -10.73 4.31
N THR A 791 -17.97 -11.44 4.36
CA THR A 791 -17.71 -12.38 5.44
C THR A 791 -16.73 -11.79 6.47
N TYR A 792 -16.34 -10.54 6.26
CA TYR A 792 -15.42 -9.85 7.15
C TYR A 792 -16.14 -9.50 8.45
N VAL A 793 -15.58 -9.96 9.57
CA VAL A 793 -16.32 -10.00 10.83
C VAL A 793 -16.16 -8.77 11.73
N ARG A 794 -15.28 -7.85 11.35
CA ARG A 794 -15.05 -6.66 12.18
C ARG A 794 -16.15 -5.61 12.00
N CYS A 795 -16.96 -5.77 10.97
CA CYS A 795 -18.03 -4.81 10.70
C CYS A 795 -19.13 -5.44 9.85
N THR A 796 -20.35 -4.92 9.99
CA THR A 796 -21.47 -5.36 9.18
C THR A 796 -21.58 -4.54 7.90
N ARG A 797 -20.50 -4.56 7.11
CA ARG A 797 -20.47 -3.91 5.82
C ARG A 797 -19.64 -4.76 4.87
N SER A 798 -19.93 -4.66 3.57
CA SER A 798 -19.08 -5.28 2.56
C SER A 798 -17.79 -4.49 2.47
N VAL A 799 -16.65 -5.17 2.62
CA VAL A 799 -15.36 -4.48 2.57
C VAL A 799 -14.75 -4.49 1.17
N SER A 800 -13.69 -3.71 0.99
CA SER A 800 -13.14 -3.44 -0.32
C SER A 800 -12.34 -4.59 -0.93
N ILE A 801 -11.98 -5.56 -0.11
CA ILE A 801 -11.31 -6.76 -0.59
C ILE A 801 -11.83 -7.98 0.16
N PRO A 802 -11.70 -9.17 -0.44
CA PRO A 802 -12.19 -10.38 0.23
C PRO A 802 -11.61 -10.53 1.63
N ALA A 803 -12.40 -11.06 2.54
CA ALA A 803 -12.00 -11.19 3.94
C ALA A 803 -10.62 -11.83 4.11
N PRO A 804 -10.35 -12.94 3.41
CA PRO A 804 -9.05 -13.60 3.62
C PRO A 804 -7.86 -12.70 3.29
N ALA A 805 -7.97 -11.94 2.20
CA ALA A 805 -6.94 -10.97 1.84
C ALA A 805 -6.83 -9.91 2.95
N TYR A 806 -7.97 -9.52 3.49
CA TYR A 806 -7.98 -8.50 4.54
C TYR A 806 -7.34 -9.03 5.82
N TYR A 807 -7.73 -10.25 6.22
CA TYR A 807 -7.17 -10.87 7.41
C TYR A 807 -5.65 -11.00 7.32
N ALA A 808 -5.14 -11.32 6.13
CA ALA A 808 -3.70 -11.42 5.93
C ALA A 808 -3.02 -10.11 6.32
N HIS A 809 -3.64 -9.00 5.93
CA HIS A 809 -3.14 -7.68 6.28
C HIS A 809 -3.10 -7.52 7.80
N LEU A 810 -4.20 -7.89 8.45
CA LEU A 810 -4.30 -7.76 9.90
C LEU A 810 -3.24 -8.61 10.61
N VAL A 811 -3.00 -9.81 10.08
CA VAL A 811 -2.04 -10.72 10.68
C VAL A 811 -0.63 -10.16 10.60
N ALA A 812 -0.25 -9.65 9.42
CA ALA A 812 1.06 -9.04 9.23
C ALA A 812 1.20 -7.81 10.12
N PHE A 813 0.14 -7.02 10.22
CA PHE A 813 0.15 -5.81 11.04
C PHE A 813 0.36 -6.17 12.51
N ARG A 814 -0.34 -7.20 12.96
CA ARG A 814 -0.21 -7.66 14.34
C ARG A 814 1.22 -8.11 14.62
N ALA A 815 1.84 -8.74 13.63
CA ALA A 815 3.21 -9.23 13.79
C ALA A 815 4.16 -8.09 14.13
N ARG A 816 3.92 -6.91 13.57
CA ARG A 816 4.73 -5.75 13.87
C ARG A 816 4.81 -5.54 15.37
N TYR A 817 3.65 -5.46 16.02
CA TYR A 817 3.58 -5.21 17.45
C TYR A 817 4.27 -6.32 18.25
N HIS A 818 4.16 -7.55 17.75
CA HIS A 818 4.82 -8.69 18.40
C HIS A 818 6.34 -8.54 18.34
N LEU A 819 6.83 -7.90 17.28
CA LEU A 819 8.28 -7.75 17.08
C LEU A 819 8.85 -6.59 17.89
N VAL A 820 7.98 -5.69 18.35
CA VAL A 820 8.43 -4.60 19.21
C VAL A 820 9.19 -5.18 20.40
N ASP A 821 10.37 -4.64 20.67
CA ASP A 821 11.23 -5.18 21.72
C ASP A 821 11.51 -4.16 22.80
N LYS A 822 11.29 -4.55 24.06
CA LYS A 822 11.70 -3.75 25.20
C LYS A 822 10.99 -2.40 25.21
N ARG A 839 17.98 -8.67 17.35
CA ARG A 839 17.83 -9.20 15.99
C ARG A 839 18.77 -10.38 15.78
N ASP A 840 18.31 -11.58 16.11
CA ASP A 840 19.12 -12.78 15.99
C ASP A 840 18.57 -13.72 14.91
N HIS A 841 17.78 -13.15 13.98
CA HIS A 841 17.17 -13.93 12.92
C HIS A 841 16.24 -15.01 13.48
N GLN A 842 16.83 -16.02 14.11
CA GLN A 842 16.05 -17.09 14.73
C GLN A 842 15.14 -16.52 15.81
N ALA A 843 15.53 -15.38 16.36
CA ALA A 843 14.76 -14.73 17.42
C ALA A 843 13.59 -13.93 16.85
N LEU A 844 13.82 -13.31 15.70
CA LEU A 844 12.75 -12.58 15.01
C LEU A 844 11.63 -13.54 14.66
N ALA A 845 11.98 -14.63 14.00
CA ALA A 845 11.00 -15.66 13.62
C ALA A 845 10.30 -16.22 14.85
N LYS A 846 10.94 -16.07 16.01
CA LYS A 846 10.40 -16.61 17.27
C LYS A 846 9.47 -15.63 17.96
N ALA A 847 9.81 -14.35 17.91
CA ALA A 847 8.98 -13.31 18.53
C ALA A 847 7.70 -13.09 17.74
N VAL A 848 7.56 -13.82 16.64
CA VAL A 848 6.41 -13.69 15.75
C VAL A 848 5.55 -14.95 15.77
N GLN A 849 6.04 -15.99 16.43
CA GLN A 849 5.30 -17.24 16.54
C GLN A 849 4.24 -17.14 17.63
N VAL A 850 3.05 -17.65 17.34
CA VAL A 850 1.89 -17.47 18.21
C VAL A 850 1.62 -18.72 19.07
N HIS A 851 1.01 -18.49 20.23
CA HIS A 851 0.70 -19.56 21.19
C HIS A 851 -0.18 -20.64 20.57
N GLN A 852 -0.08 -21.86 21.11
CA GLN A 852 -0.80 -23.00 20.55
C GLN A 852 -2.31 -22.80 20.51
N ASP A 853 -2.90 -22.50 21.67
CA ASP A 853 -4.35 -22.32 21.78
C ASP A 853 -4.85 -21.21 20.86
N THR A 854 -4.11 -20.10 20.82
CA THR A 854 -4.52 -18.92 20.05
C THR A 854 -4.54 -19.18 18.54
N LEU A 855 -3.66 -20.06 18.06
CA LEU A 855 -3.57 -20.35 16.64
C LEU A 855 -4.87 -20.88 16.06
N ARG A 856 -5.70 -21.49 16.89
CA ARG A 856 -6.94 -22.08 16.42
C ARG A 856 -7.95 -21.02 16.03
N THR A 857 -7.83 -19.83 16.62
CA THR A 857 -8.85 -18.79 16.45
C THR A 857 -8.29 -17.49 15.86
N MET A 858 -9.19 -16.56 15.58
CA MET A 858 -8.83 -15.32 14.91
C MET A 858 -8.45 -14.22 15.90
N TYR A 859 -7.31 -14.42 16.56
CA TYR A 859 -6.76 -13.46 17.52
C TYR A 859 -6.48 -12.10 16.89
N PHE A 860 -6.36 -12.08 15.56
CA PHE A 860 -5.94 -10.88 14.84
C PHE A 860 -7.11 -9.92 14.54
N ALA A 861 -8.33 -10.34 14.87
CA ALA A 861 -9.50 -9.52 14.59
C ALA A 861 -9.50 -8.28 15.47
C1 IPH C . -16.96 -26.74 1.73
C2 IPH C . -17.28 -27.97 2.29
C3 IPH C . -16.57 -28.41 3.42
C4 IPH C . -15.57 -27.62 3.96
C5 IPH C . -15.27 -26.38 3.40
C6 IPH C . -15.97 -25.94 2.29
O1 IPH C . -17.65 -26.29 0.63
C1 IPH D . -3.71 -33.92 4.18
C2 IPH D . -4.23 -32.79 4.78
C3 IPH D . -4.83 -31.80 4.02
C4 IPH D . -4.92 -31.96 2.64
C5 IPH D . -4.39 -33.09 2.03
C6 IPH D . -3.79 -34.08 2.80
O1 IPH D . -3.11 -34.90 4.94
#